data_3VP6
#
_entry.id   3VP6
#
_cell.length_a   86.006
_cell.length_b   64.084
_cell.length_c   102.646
_cell.angle_alpha   90.00
_cell.angle_beta   108.14
_cell.angle_gamma   90.00
#
_symmetry.space_group_name_H-M   'P 1 21 1'
#
loop_
_entity.id
_entity.type
_entity.pdbx_description
1 polymer 'Glutamate decarboxylase 1'
2 non-polymer '4-oxo-4H-pyran-2,6-dicarboxylic acid'
3 non-polymer GLYCEROL
4 water water
#
_entity_poly.entity_id   1
_entity_poly.type   'polypeptide(L)'
_entity_poly.pdbx_seq_one_letter_code
;RTETDFSNLFARDLLPAKNGEEQTVQFLLEVVDILLNYVRKTFDRSTKVLDFHHPHQLLEGMEGFNLELSDHPESLEQIL
VDCRDTLKYGVRTGHPRFFNQLSTGLDIIGLAGEWLTSTANTNMFTYEIAPVFVLMEQITLKKMREIVGWSSKDGDGIFS
PGGAISNMYSIMAARYKYFPEVKTKGMAAVPKLVLFTSEQSHYSIKKAGAALGFGTDNVILIKCNERGKIIPADFEAKIL
EAKQKGYVPFYVNATAGTTVYGAFDPIQEIADICEKYNLWLHVDAAWGGGLLMSRKHRHKLNGIERANSVTWNPH(LLP)
MMGVLLQCSAILVKEKGILQGCNQMHASYLFQQDKHYDVSYDTGDKAIQCGRHVDIFKFWLMWKAKGTVGFENQINKCLE
LAEYLYAKIKNREEFEMVFNGEPEHTNVCFWYIPQSLRGVPDSPQRREKLHKVAPKIKALMMESGTTMVGYQPQGDKANF
FRMVISNPAATQSDIDFLIEEIERLGQDLHHHHHH
;
_entity_poly.pdbx_strand_id   A,B
#
# COMPACT_ATOMS: atom_id res chain seq x y z
N THR A 4 11.16 20.10 29.22
CA THR A 4 10.58 18.76 29.32
C THR A 4 11.64 17.65 29.20
N ASP A 5 11.88 16.92 30.31
CA ASP A 5 12.88 15.85 30.41
C ASP A 5 12.27 14.45 30.21
N PHE A 6 12.72 13.72 29.18
CA PHE A 6 12.20 12.40 28.83
C PHE A 6 13.18 11.25 29.10
N SER A 7 14.27 11.51 29.87
CA SER A 7 15.30 10.52 30.18
C SER A 7 14.81 9.33 31.00
N ASN A 8 13.76 9.55 31.83
CA ASN A 8 13.14 8.55 32.71
C ASN A 8 11.69 8.28 32.34
N LEU A 9 11.23 8.79 31.19
CA LEU A 9 9.84 8.56 30.74
C LEU A 9 9.83 7.54 29.64
N PHE A 10 8.81 6.67 29.64
CA PHE A 10 8.65 5.61 28.66
C PHE A 10 7.29 5.69 27.98
N ALA A 11 7.14 4.98 26.85
CA ALA A 11 5.93 4.93 26.03
C ALA A 11 4.73 4.48 26.85
N ARG A 12 4.97 3.51 27.77
CA ARG A 12 3.97 2.93 28.68
C ARG A 12 3.31 4.01 29.59
N ASP A 13 3.98 5.17 29.77
CA ASP A 13 3.46 6.28 30.58
C ASP A 13 2.65 7.27 29.73
N LEU A 14 2.67 7.11 28.39
CA LEU A 14 1.89 8.04 27.55
C LEU A 14 0.44 7.55 27.43
N LEU A 15 -0.45 8.35 26.80
CA LEU A 15 -1.85 7.96 26.58
C LEU A 15 -1.82 6.61 25.86
N PRO A 16 -2.62 5.58 26.24
CA PRO A 16 -3.80 5.57 27.12
C PRO A 16 -3.63 5.66 28.63
N ALA A 17 -2.40 5.63 29.14
CA ALA A 17 -2.18 5.70 30.60
C ALA A 17 -2.84 6.95 31.20
N LYS A 18 -3.49 6.77 32.37
CA LYS A 18 -4.16 7.84 33.08
C LYS A 18 -3.14 8.93 33.43
N ASN A 19 -3.54 10.20 33.31
CA ASN A 19 -2.72 11.38 33.62
C ASN A 19 -1.44 11.55 32.77
N GLY A 20 -1.34 10.77 31.70
CA GLY A 20 -0.21 10.82 30.77
C GLY A 20 -0.38 11.80 29.62
N GLU A 21 -1.53 12.54 29.61
CA GLU A 21 -1.92 13.52 28.58
C GLU A 21 -0.89 14.59 28.30
N GLU A 22 -0.46 15.32 29.34
CA GLU A 22 0.50 16.41 29.26
C GLU A 22 1.82 15.95 28.64
N GLN A 23 2.37 14.82 29.14
CA GLN A 23 3.60 14.18 28.64
C GLN A 23 3.47 13.71 27.17
N THR A 24 2.25 13.26 26.76
CA THR A 24 1.95 12.81 25.39
C THR A 24 2.07 14.02 24.41
N VAL A 25 1.45 15.13 24.77
CA VAL A 25 1.44 16.35 23.99
C VAL A 25 2.87 16.89 23.90
N GLN A 26 3.59 16.98 25.07
CA GLN A 26 4.99 17.42 25.10
C GLN A 26 5.86 16.58 24.20
N PHE A 27 5.72 15.24 24.28
CA PHE A 27 6.50 14.30 23.46
C PHE A 27 6.25 14.51 21.97
N LEU A 28 4.97 14.66 21.56
CA LEU A 28 4.58 14.82 20.16
C LEU A 28 5.08 16.13 19.58
N LEU A 29 5.04 17.20 20.37
CA LEU A 29 5.56 18.52 19.98
C LEU A 29 7.08 18.45 19.79
N GLU A 30 7.77 17.64 20.61
CA GLU A 30 9.22 17.43 20.51
C GLU A 30 9.54 16.62 19.23
N VAL A 31 8.67 15.64 18.87
CA VAL A 31 8.82 14.87 17.62
C VAL A 31 8.65 15.87 16.44
N VAL A 32 7.55 16.65 16.49
CA VAL A 32 7.19 17.68 15.49
C VAL A 32 8.32 18.72 15.27
N ASP A 33 8.97 19.19 16.36
CA ASP A 33 10.07 20.16 16.24
C ASP A 33 11.22 19.64 15.41
N ILE A 34 11.58 18.35 15.60
CA ILE A 34 12.58 17.60 14.84
C ILE A 34 12.14 17.57 13.33
N LEU A 35 10.86 17.26 13.05
CA LEU A 35 10.31 17.19 11.69
C LEU A 35 10.28 18.56 11.02
N LEU A 36 9.96 19.64 11.79
CA LEU A 36 9.93 21.02 11.28
C LEU A 36 11.33 21.50 10.95
N ASN A 37 12.33 21.11 11.75
CA ASN A 37 13.73 21.44 11.51
C ASN A 37 14.19 20.70 10.23
N TYR A 38 13.76 19.42 10.06
CA TYR A 38 14.08 18.67 8.85
C TYR A 38 13.38 19.31 7.63
N VAL A 39 12.14 19.78 7.80
CA VAL A 39 11.38 20.47 6.74
C VAL A 39 12.10 21.74 6.30
N ARG A 40 12.59 22.54 7.27
CA ARG A 40 13.36 23.74 7.01
C ARG A 40 14.61 23.38 6.18
N LYS A 41 15.41 22.39 6.64
CA LYS A 41 16.62 21.96 5.94
C LYS A 41 16.41 21.38 4.54
N THR A 42 15.24 20.73 4.31
CA THR A 42 14.84 20.16 3.03
C THR A 42 15.03 21.15 1.88
N PHE A 43 14.45 22.36 2.01
CA PHE A 43 14.44 23.41 0.99
C PHE A 43 15.69 24.30 0.88
N ASP A 44 16.73 24.02 1.69
CA ASP A 44 18.02 24.71 1.67
C ASP A 44 19.01 23.83 0.87
N ARG A 45 19.56 24.39 -0.20
CA ARG A 45 20.49 23.73 -1.12
C ARG A 45 21.85 23.33 -0.53
N SER A 46 22.27 23.95 0.59
CA SER A 46 23.55 23.62 1.23
C SER A 46 23.49 22.29 1.97
N THR A 47 22.27 21.85 2.35
CA THR A 47 22.07 20.56 3.02
C THR A 47 22.26 19.49 1.97
N LYS A 48 22.85 18.37 2.39
CA LYS A 48 23.12 17.26 1.51
C LYS A 48 21.83 16.54 1.10
N VAL A 49 21.75 16.12 -0.17
CA VAL A 49 20.61 15.33 -0.64
C VAL A 49 20.63 14.05 0.20
N LEU A 50 21.79 13.40 0.31
CA LEU A 50 21.96 12.21 1.16
C LEU A 50 23.36 12.15 1.75
N ASP A 51 23.43 11.78 3.04
CA ASP A 51 24.69 11.52 3.73
C ASP A 51 24.85 10.04 3.53
N PHE A 52 25.59 9.65 2.48
CA PHE A 52 25.71 8.25 2.09
C PHE A 52 26.48 7.37 3.02
N HIS A 53 25.91 6.20 3.36
CA HIS A 53 26.59 5.19 4.16
C HIS A 53 26.26 3.82 3.60
N HIS A 54 27.29 2.98 3.48
CA HIS A 54 27.14 1.59 3.04
C HIS A 54 26.45 0.85 4.15
N PRO A 55 25.69 -0.21 3.85
CA PRO A 55 24.96 -0.92 4.92
C PRO A 55 25.75 -1.28 6.17
N HIS A 56 27.01 -1.75 6.05
CA HIS A 56 27.81 -2.14 7.23
C HIS A 56 27.94 -0.99 8.25
N GLN A 57 28.10 0.24 7.78
CA GLN A 57 28.25 1.38 8.68
C GLN A 57 26.96 1.59 9.51
N LEU A 58 25.79 1.45 8.88
CA LEU A 58 24.49 1.62 9.54
C LEU A 58 24.14 0.39 10.41
N LEU A 59 24.47 -0.81 9.93
CA LEU A 59 24.31 -2.04 10.69
C LEU A 59 25.24 -2.13 11.88
N GLU A 60 26.45 -1.57 11.78
CA GLU A 60 27.41 -1.60 12.89
C GLU A 60 27.04 -0.67 14.04
N GLY A 61 26.22 0.36 13.75
CA GLY A 61 25.76 1.35 14.72
C GLY A 61 26.44 2.66 14.51
N MET A 62 25.73 3.64 13.95
CA MET A 62 26.28 4.98 13.70
C MET A 62 26.23 5.78 15.00
N GLU A 63 27.39 5.92 15.70
CA GLU A 63 27.56 6.63 16.99
C GLU A 63 26.23 6.95 17.67
N GLY A 64 25.77 6.02 18.51
CA GLY A 64 24.50 6.08 19.20
C GLY A 64 23.33 5.39 18.50
N PHE A 65 23.29 5.42 17.17
CA PHE A 65 22.15 4.86 16.41
C PHE A 65 22.15 3.34 16.26
N ASN A 66 21.44 2.64 17.17
CA ASN A 66 21.31 1.19 17.24
C ASN A 66 20.02 0.76 16.57
N LEU A 67 20.13 0.05 15.45
CA LEU A 67 18.96 -0.41 14.68
C LEU A 67 18.34 -1.69 15.23
N GLU A 68 19.05 -2.39 16.10
CA GLU A 68 18.63 -3.66 16.72
C GLU A 68 17.44 -3.48 17.67
N LEU A 69 16.61 -4.54 17.78
CA LEU A 69 15.41 -4.54 18.61
C LEU A 69 15.62 -5.40 19.83
N SER A 70 15.01 -5.03 20.95
CA SER A 70 15.23 -5.75 22.19
C SER A 70 13.98 -6.00 22.98
N ASP A 71 14.13 -6.82 24.03
CA ASP A 71 13.09 -7.18 25.00
C ASP A 71 12.60 -5.97 25.75
N HIS A 72 13.52 -5.02 26.07
CA HIS A 72 13.23 -3.86 26.89
C HIS A 72 13.04 -2.52 26.21
N PRO A 73 12.13 -1.66 26.74
CA PRO A 73 11.92 -0.34 26.12
C PRO A 73 13.08 0.61 26.31
N GLU A 74 13.19 1.60 25.41
CA GLU A 74 14.16 2.68 25.55
C GLU A 74 13.31 3.80 26.08
N SER A 75 13.97 4.79 26.67
CA SER A 75 13.31 5.98 27.20
C SER A 75 12.79 6.80 26.02
N LEU A 76 11.85 7.70 26.28
CA LEU A 76 11.31 8.60 25.27
C LEU A 76 12.40 9.57 24.77
N GLU A 77 13.47 9.82 25.57
CA GLU A 77 14.56 10.65 25.07
C GLU A 77 15.37 9.92 24.01
N GLN A 78 15.59 8.62 24.22
CA GLN A 78 16.28 7.77 23.27
C GLN A 78 15.43 7.62 21.97
N ILE A 79 14.09 7.66 22.09
CA ILE A 79 13.16 7.58 20.97
C ILE A 79 13.33 8.81 20.06
N LEU A 80 13.42 9.98 20.67
CA LEU A 80 13.59 11.26 19.95
C LEU A 80 14.95 11.27 19.27
N VAL A 81 15.98 10.72 19.96
CA VAL A 81 17.34 10.57 19.43
C VAL A 81 17.30 9.65 18.20
N ASP A 82 16.53 8.54 18.27
CA ASP A 82 16.38 7.63 17.11
C ASP A 82 15.66 8.31 15.95
N CYS A 83 14.71 9.21 16.26
CA CYS A 83 13.95 9.97 15.24
C CYS A 83 14.91 10.93 14.50
N ARG A 84 15.76 11.71 15.23
CA ARG A 84 16.70 12.63 14.57
C ARG A 84 17.69 11.85 13.71
N ASP A 85 18.17 10.71 14.23
CA ASP A 85 19.14 9.89 13.52
C ASP A 85 18.54 9.26 12.26
N THR A 86 17.27 8.80 12.32
CA THR A 86 16.62 8.20 11.13
C THR A 86 16.71 9.16 9.99
N LEU A 87 16.24 10.40 10.23
CA LEU A 87 16.20 11.49 9.27
C LEU A 87 17.58 11.99 8.81
N LYS A 88 18.57 11.95 9.72
CA LYS A 88 19.96 12.34 9.50
C LYS A 88 20.60 11.46 8.40
N TYR A 89 20.25 10.15 8.36
CA TYR A 89 20.81 9.19 7.40
C TYR A 89 19.95 8.80 6.18
N GLY A 90 18.86 9.52 5.97
CA GLY A 90 18.00 9.25 4.82
C GLY A 90 18.14 10.27 3.71
N VAL A 91 17.46 10.01 2.58
CA VAL A 91 17.50 10.94 1.43
C VAL A 91 16.52 12.10 1.69
N ARG A 92 16.94 13.31 1.28
CA ARG A 92 16.13 14.53 1.31
C ARG A 92 15.39 14.49 -0.04
N THR A 93 14.25 13.78 -0.08
CA THR A 93 13.49 13.56 -1.31
C THR A 93 12.80 14.83 -1.85
N GLY A 94 12.58 15.81 -0.98
CA GLY A 94 12.02 17.12 -1.30
C GLY A 94 13.08 18.16 -1.64
N HIS A 95 14.37 17.78 -1.59
CA HIS A 95 15.49 18.69 -1.89
C HIS A 95 15.41 19.18 -3.34
N PRO A 96 15.71 20.48 -3.58
CA PRO A 96 15.68 20.99 -4.98
C PRO A 96 16.54 20.18 -5.96
N ARG A 97 17.70 19.66 -5.49
CA ARG A 97 18.64 18.93 -6.33
C ARG A 97 18.46 17.40 -6.38
N PHE A 98 17.35 16.91 -5.86
CA PHE A 98 17.06 15.47 -5.91
C PHE A 98 16.26 15.15 -7.17
N PHE A 99 16.93 14.58 -8.20
CA PHE A 99 16.32 14.22 -9.50
C PHE A 99 16.49 12.72 -9.83
N ASN A 100 16.67 11.89 -8.78
CA ASN A 100 16.89 10.45 -8.93
C ASN A 100 15.66 9.65 -9.30
N GLN A 101 14.48 10.18 -8.98
CA GLN A 101 13.23 9.45 -9.13
C GLN A 101 12.16 10.26 -9.85
N LEU A 102 11.11 9.56 -10.29
CA LEU A 102 9.90 10.10 -10.87
C LEU A 102 9.08 10.82 -9.76
N SER A 103 9.10 10.25 -8.55
CA SER A 103 8.45 10.73 -7.32
C SER A 103 9.51 11.48 -6.49
N THR A 104 9.36 12.81 -6.38
CA THR A 104 10.25 13.69 -5.62
C THR A 104 9.38 14.70 -4.88
N GLY A 105 10.02 15.71 -4.31
CA GLY A 105 9.36 16.80 -3.62
C GLY A 105 8.75 16.48 -2.28
N LEU A 106 8.52 17.55 -1.52
CA LEU A 106 7.87 17.54 -0.23
C LEU A 106 6.84 18.65 -0.26
N ASP A 107 5.61 18.23 -0.53
CA ASP A 107 4.48 19.13 -0.58
C ASP A 107 3.98 19.30 0.84
N ILE A 108 3.95 20.56 1.32
CA ILE A 108 3.51 20.94 2.66
C ILE A 108 2.06 20.55 2.96
N ILE A 109 1.14 20.77 1.98
CA ILE A 109 -0.28 20.43 2.14
C ILE A 109 -0.40 18.90 2.19
N GLY A 110 0.34 18.23 1.32
CA GLY A 110 0.43 16.77 1.28
C GLY A 110 0.95 16.23 2.60
N LEU A 111 2.02 16.87 3.13
CA LEU A 111 2.62 16.54 4.42
C LEU A 111 1.59 16.67 5.56
N ALA A 112 0.84 17.79 5.60
CA ALA A 112 -0.19 18.02 6.61
C ALA A 112 -1.35 16.99 6.46
N GLY A 113 -1.73 16.68 5.22
CA GLY A 113 -2.75 15.69 4.91
C GLY A 113 -2.42 14.30 5.42
N GLU A 114 -1.16 13.92 5.30
CA GLU A 114 -0.69 12.62 5.79
C GLU A 114 -0.70 12.56 7.33
N TRP A 115 -0.29 13.68 7.99
CA TRP A 115 -0.26 13.78 9.45
C TRP A 115 -1.65 13.62 10.05
N LEU A 116 -2.66 14.24 9.39
CA LEU A 116 -4.08 14.12 9.76
C LEU A 116 -4.59 12.70 9.43
N THR A 117 -4.26 12.16 8.23
CA THR A 117 -4.67 10.79 7.81
C THR A 117 -4.19 9.77 8.83
N SER A 118 -2.96 9.96 9.31
CA SER A 118 -2.38 9.08 10.31
C SER A 118 -3.09 9.23 11.65
N THR A 119 -3.54 10.45 11.97
CA THR A 119 -4.29 10.74 13.19
C THR A 119 -5.65 10.04 13.16
N ALA A 120 -6.32 10.05 11.98
CA ALA A 120 -7.62 9.41 11.79
C ALA A 120 -7.46 7.87 11.88
N ASN A 121 -6.28 7.34 11.44
CA ASN A 121 -5.95 5.91 11.45
C ASN A 121 -7.15 5.02 11.21
N THR A 122 -7.63 5.00 9.98
CA THR A 122 -8.79 4.21 9.59
C THR A 122 -8.58 3.50 8.26
N ASN A 123 -9.57 2.68 7.91
CA ASN A 123 -9.57 1.89 6.72
C ASN A 123 -10.55 2.40 5.70
N MET A 124 -10.27 2.15 4.41
CA MET A 124 -11.14 2.57 3.30
C MET A 124 -12.28 1.63 3.00
N PHE A 125 -12.26 0.38 3.52
CA PHE A 125 -13.24 -0.64 3.11
C PHE A 125 -14.71 -0.32 3.20
N THR A 126 -15.15 0.44 4.25
CA THR A 126 -16.57 0.73 4.46
C THR A 126 -16.84 2.19 4.78
N TYR A 127 -18.07 2.67 4.43
CA TYR A 127 -18.53 4.02 4.76
C TYR A 127 -18.58 4.19 6.30
N GLU A 128 -19.01 3.14 7.01
CA GLU A 128 -19.13 2.97 8.48
C GLU A 128 -17.96 3.52 9.32
N ILE A 129 -16.71 3.26 8.90
CA ILE A 129 -15.49 3.65 9.66
C ILE A 129 -14.62 4.71 8.95
N ALA A 130 -14.99 5.07 7.73
CA ALA A 130 -14.31 6.08 6.91
C ALA A 130 -15.38 6.90 6.12
N PRO A 131 -16.39 7.52 6.78
CA PRO A 131 -17.43 8.21 6.03
C PRO A 131 -16.96 9.33 5.12
N VAL A 132 -16.07 10.22 5.63
CA VAL A 132 -15.57 11.38 4.90
C VAL A 132 -14.68 10.99 3.72
N PHE A 133 -13.68 10.11 3.98
CA PHE A 133 -12.72 9.67 2.96
C PHE A 133 -13.36 8.92 1.81
N VAL A 134 -14.35 8.07 2.10
CA VAL A 134 -15.09 7.32 1.08
C VAL A 134 -15.70 8.28 0.08
N LEU A 135 -16.35 9.34 0.59
CA LEU A 135 -16.98 10.38 -0.23
C LEU A 135 -15.95 11.23 -0.97
N MET A 136 -14.86 11.64 -0.29
CA MET A 136 -13.77 12.41 -0.90
C MET A 136 -13.22 11.59 -2.07
N GLU A 137 -13.05 10.26 -1.87
CA GLU A 137 -12.58 9.37 -2.93
C GLU A 137 -13.55 9.34 -4.12
N GLN A 138 -14.88 9.32 -3.86
CA GLN A 138 -15.92 9.27 -4.92
C GLN A 138 -15.80 10.47 -5.83
N ILE A 139 -15.76 11.66 -5.20
CA ILE A 139 -15.69 12.98 -5.83
C ILE A 139 -14.41 13.15 -6.63
N THR A 140 -13.26 12.75 -6.04
CA THR A 140 -11.99 12.87 -6.70
C THR A 140 -11.93 11.95 -7.91
N LEU A 141 -12.32 10.66 -7.75
CA LEU A 141 -12.32 9.73 -8.89
C LEU A 141 -13.17 10.22 -10.03
N LYS A 142 -14.36 10.77 -9.72
CA LYS A 142 -15.30 11.35 -10.71
C LYS A 142 -14.65 12.51 -11.48
N LYS A 143 -13.94 13.40 -10.76
CA LYS A 143 -13.23 14.52 -11.38
C LYS A 143 -12.12 14.00 -12.32
N MET A 144 -11.33 13.02 -11.86
CA MET A 144 -10.26 12.42 -12.66
C MET A 144 -10.78 11.80 -13.98
N ARG A 145 -11.93 11.09 -13.94
CA ARG A 145 -12.56 10.49 -15.13
C ARG A 145 -12.93 11.60 -16.11
N GLU A 146 -13.47 12.73 -15.61
CA GLU A 146 -13.84 13.92 -16.41
C GLU A 146 -12.62 14.52 -17.10
N ILE A 147 -11.48 14.65 -16.39
CA ILE A 147 -10.23 15.22 -16.93
C ILE A 147 -9.68 14.31 -18.05
N VAL A 148 -9.81 12.98 -17.88
CA VAL A 148 -9.43 11.99 -18.89
C VAL A 148 -10.26 12.18 -20.19
N GLY A 149 -11.54 12.52 -20.06
CA GLY A 149 -12.42 12.76 -21.20
C GLY A 149 -13.58 11.77 -21.28
N TRP A 150 -13.93 11.15 -20.14
CA TRP A 150 -15.05 10.21 -20.04
C TRP A 150 -16.25 10.95 -19.48
N SER A 151 -17.44 10.29 -19.46
CA SER A 151 -18.70 10.82 -18.93
C SER A 151 -18.63 11.17 -17.43
N SER A 152 -19.48 12.12 -17.01
CA SER A 152 -19.60 12.60 -15.63
C SER A 152 -20.53 11.72 -14.79
N LYS A 153 -21.28 10.80 -15.46
CA LYS A 153 -22.23 9.89 -14.81
C LYS A 153 -21.70 8.47 -14.76
N ASP A 154 -21.40 7.89 -15.93
CA ASP A 154 -20.88 6.52 -16.01
C ASP A 154 -19.38 6.52 -15.74
N GLY A 155 -18.92 5.49 -15.04
CA GLY A 155 -17.50 5.36 -14.69
C GLY A 155 -17.24 4.64 -13.39
N ASP A 156 -15.96 4.31 -13.17
CA ASP A 156 -15.53 3.56 -12.00
C ASP A 156 -14.07 3.83 -11.69
N GLY A 157 -13.64 3.30 -10.54
CA GLY A 157 -12.26 3.41 -10.09
C GLY A 157 -12.08 3.21 -8.60
N ILE A 158 -10.81 3.06 -8.21
CA ILE A 158 -10.37 2.86 -6.83
C ILE A 158 -8.91 3.24 -6.71
N PHE A 159 -8.51 3.63 -5.49
CA PHE A 159 -7.14 3.93 -5.17
C PHE A 159 -6.44 2.63 -4.84
N SER A 160 -5.20 2.55 -5.22
CA SER A 160 -4.46 1.32 -5.13
C SER A 160 -3.05 1.57 -4.57
N PRO A 161 -2.43 0.54 -3.96
CA PRO A 161 -1.10 0.73 -3.37
C PRO A 161 0.01 0.66 -4.42
N GLY A 162 0.02 1.65 -5.30
CA GLY A 162 0.99 1.78 -6.37
C GLY A 162 0.38 1.56 -7.73
N GLY A 163 0.98 2.17 -8.73
CA GLY A 163 0.57 2.05 -10.12
C GLY A 163 0.72 0.65 -10.69
N ALA A 164 1.73 -0.10 -10.20
CA ALA A 164 1.97 -1.49 -10.61
C ALA A 164 0.69 -2.34 -10.35
N ILE A 165 0.03 -2.15 -9.18
CA ILE A 165 -1.21 -2.81 -8.79
C ILE A 165 -2.39 -2.25 -9.61
N SER A 166 -2.43 -0.92 -9.84
CA SER A 166 -3.46 -0.32 -10.68
C SER A 166 -3.38 -1.01 -12.07
N ASN A 167 -2.14 -1.24 -12.57
CA ASN A 167 -1.94 -1.96 -13.84
C ASN A 167 -2.45 -3.42 -13.76
N MET A 168 -2.26 -4.10 -12.60
CA MET A 168 -2.75 -5.47 -12.37
C MET A 168 -4.29 -5.46 -12.40
N TYR A 169 -4.93 -4.42 -11.79
CA TYR A 169 -6.39 -4.26 -11.80
C TYR A 169 -6.91 -4.20 -13.22
N SER A 170 -6.23 -3.47 -14.10
CA SER A 170 -6.66 -3.29 -15.50
C SER A 170 -6.74 -4.60 -16.26
N ILE A 171 -5.72 -5.45 -16.07
CA ILE A 171 -5.61 -6.78 -16.70
C ILE A 171 -6.67 -7.75 -16.13
N MET A 172 -6.89 -7.69 -14.82
CA MET A 172 -7.90 -8.51 -14.15
C MET A 172 -9.28 -8.09 -14.66
N ALA A 173 -9.55 -6.76 -14.71
CA ALA A 173 -10.80 -6.19 -15.25
C ALA A 173 -10.98 -6.58 -16.73
N ALA A 174 -9.92 -6.43 -17.56
CA ALA A 174 -9.94 -6.81 -19.00
C ALA A 174 -10.29 -8.28 -19.16
N ARG A 175 -9.63 -9.15 -18.34
CA ARG A 175 -9.86 -10.59 -18.37
C ARG A 175 -11.27 -10.95 -17.92
N TYR A 176 -11.75 -10.32 -16.82
CA TYR A 176 -13.08 -10.59 -16.31
C TYR A 176 -14.19 -10.23 -17.34
N LYS A 177 -14.01 -9.10 -18.03
CA LYS A 177 -14.91 -8.56 -19.06
C LYS A 177 -15.14 -9.53 -20.20
N TYR A 178 -14.04 -10.06 -20.77
CA TYR A 178 -14.10 -10.98 -21.90
C TYR A 178 -14.21 -12.44 -21.47
N PHE A 179 -13.58 -12.81 -20.37
CA PHE A 179 -13.55 -14.20 -19.89
C PHE A 179 -13.94 -14.36 -18.42
N PRO A 180 -15.21 -14.01 -18.04
CA PRO A 180 -15.59 -14.13 -16.61
C PRO A 180 -15.50 -15.53 -16.04
N GLU A 181 -15.48 -16.58 -16.91
CA GLU A 181 -15.31 -18.01 -16.53
C GLU A 181 -14.04 -18.22 -15.70
N VAL A 182 -12.99 -17.43 -16.00
CA VAL A 182 -11.69 -17.52 -15.32
C VAL A 182 -11.79 -17.41 -13.82
N LYS A 183 -12.65 -16.49 -13.33
CA LYS A 183 -12.81 -16.26 -11.89
C LYS A 183 -13.09 -17.57 -11.12
N THR A 184 -14.06 -18.38 -11.60
CA THR A 184 -14.39 -19.63 -10.95
C THR A 184 -13.58 -20.80 -11.47
N LYS A 185 -13.34 -20.90 -12.79
CA LYS A 185 -12.72 -22.06 -13.42
C LYS A 185 -11.21 -22.05 -13.59
N GLY A 186 -10.61 -20.85 -13.61
CA GLY A 186 -9.18 -20.68 -13.79
C GLY A 186 -8.80 -20.44 -15.23
N MET A 187 -7.55 -20.04 -15.43
CA MET A 187 -6.95 -19.72 -16.71
C MET A 187 -7.00 -20.86 -17.72
N ALA A 188 -6.79 -22.11 -17.24
CA ALA A 188 -6.79 -23.34 -18.07
C ALA A 188 -8.13 -23.65 -18.74
N ALA A 189 -9.24 -23.01 -18.30
CA ALA A 189 -10.57 -23.21 -18.87
C ALA A 189 -10.83 -22.43 -20.16
N VAL A 190 -9.98 -21.42 -20.48
CA VAL A 190 -10.15 -20.60 -21.69
C VAL A 190 -8.90 -20.77 -22.61
N PRO A 191 -8.91 -20.34 -23.91
CA PRO A 191 -7.69 -20.48 -24.74
C PRO A 191 -6.55 -19.59 -24.28
N LYS A 192 -5.35 -19.79 -24.85
CA LYS A 192 -4.15 -19.03 -24.51
C LYS A 192 -4.41 -17.50 -24.69
N LEU A 193 -4.55 -16.77 -23.57
CA LEU A 193 -4.82 -15.31 -23.62
C LEU A 193 -3.52 -14.53 -23.82
N VAL A 194 -3.53 -13.55 -24.75
CA VAL A 194 -2.33 -12.77 -25.05
C VAL A 194 -2.51 -11.29 -24.75
N LEU A 195 -1.48 -10.69 -24.08
CA LEU A 195 -1.39 -9.28 -23.70
C LEU A 195 -0.32 -8.70 -24.56
N PHE A 196 -0.42 -7.41 -24.84
CA PHE A 196 0.57 -6.67 -25.61
C PHE A 196 0.93 -5.41 -24.85
N THR A 197 2.22 -5.04 -24.92
CA THR A 197 2.75 -3.86 -24.26
C THR A 197 3.98 -3.40 -25.01
N SER A 198 4.36 -2.13 -24.84
CA SER A 198 5.57 -1.59 -25.47
C SER A 198 6.83 -2.28 -24.96
N GLU A 199 7.86 -2.35 -25.82
CA GLU A 199 9.21 -2.83 -25.49
C GLU A 199 9.78 -1.90 -24.37
N GLN A 200 9.28 -0.65 -24.26
CA GLN A 200 9.76 0.36 -23.29
C GLN A 200 8.77 0.72 -22.17
N SER A 201 7.69 -0.03 -22.05
CA SER A 201 6.67 0.11 -21.02
C SER A 201 7.21 -0.40 -19.66
N HIS A 202 6.48 -0.10 -18.58
CA HIS A 202 6.80 -0.49 -17.21
C HIS A 202 6.65 -1.99 -17.09
N TYR A 203 7.64 -2.60 -16.41
CA TYR A 203 7.78 -4.04 -16.14
C TYR A 203 6.59 -4.63 -15.36
N SER A 204 5.73 -3.77 -14.78
CA SER A 204 4.55 -4.16 -14.04
C SER A 204 3.56 -4.91 -14.93
N ILE A 205 3.62 -4.76 -16.26
CA ILE A 205 2.74 -5.52 -17.16
C ILE A 205 3.22 -6.95 -17.23
N LYS A 206 4.52 -7.15 -17.31
CA LYS A 206 5.10 -8.50 -17.33
C LYS A 206 4.84 -9.23 -16.00
N LYS A 207 5.09 -8.54 -14.86
CA LYS A 207 4.94 -9.07 -13.49
C LYS A 207 3.51 -9.54 -13.22
N ALA A 208 2.55 -8.76 -13.61
CA ALA A 208 1.12 -9.03 -13.48
C ALA A 208 0.73 -10.20 -14.37
N GLY A 209 1.25 -10.27 -15.59
CA GLY A 209 1.02 -11.37 -16.52
C GLY A 209 1.54 -12.68 -15.94
N ALA A 210 2.68 -12.62 -15.24
CA ALA A 210 3.26 -13.75 -14.51
C ALA A 210 2.36 -14.13 -13.32
N ALA A 211 2.03 -13.13 -12.49
CA ALA A 211 1.25 -13.30 -11.26
C ALA A 211 -0.16 -13.83 -11.56
N LEU A 212 -0.82 -13.23 -12.52
CA LEU A 212 -2.19 -13.49 -12.91
C LEU A 212 -2.45 -14.81 -13.60
N GLY A 213 -1.38 -15.53 -13.96
CA GLY A 213 -1.49 -16.83 -14.60
C GLY A 213 -1.44 -16.89 -16.12
N PHE A 214 -1.05 -15.78 -16.77
CA PHE A 214 -0.99 -15.69 -18.23
C PHE A 214 0.32 -16.25 -18.78
N GLY A 215 1.39 -16.11 -18.01
CA GLY A 215 2.73 -16.50 -18.42
C GLY A 215 3.38 -15.35 -19.17
N THR A 216 4.62 -14.95 -18.78
CA THR A 216 5.36 -13.87 -19.44
C THR A 216 5.57 -14.11 -20.95
N ASP A 217 5.57 -15.40 -21.39
CA ASP A 217 5.67 -15.71 -22.85
C ASP A 217 4.48 -15.09 -23.55
N ASN A 218 3.35 -14.94 -22.84
CA ASN A 218 2.11 -14.39 -23.39
C ASN A 218 1.92 -12.90 -23.18
N VAL A 219 2.97 -12.22 -22.71
CA VAL A 219 3.02 -10.77 -22.62
C VAL A 219 3.98 -10.38 -23.76
N ILE A 220 3.41 -10.01 -24.91
CA ILE A 220 4.15 -9.73 -26.13
C ILE A 220 4.59 -8.27 -26.25
N LEU A 221 5.90 -8.06 -26.38
CA LEU A 221 6.49 -6.72 -26.48
C LEU A 221 6.34 -6.12 -27.88
N ILE A 222 5.84 -4.87 -27.95
CA ILE A 222 5.62 -4.15 -29.20
C ILE A 222 6.81 -3.27 -29.50
N LYS A 223 7.24 -3.28 -30.78
CA LYS A 223 8.37 -2.52 -31.31
C LYS A 223 8.16 -1.03 -31.17
N CYS A 224 9.21 -0.36 -30.72
CA CYS A 224 9.24 1.09 -30.54
C CYS A 224 10.08 1.74 -31.62
N ASN A 225 9.72 2.98 -32.01
CA ASN A 225 10.51 3.76 -32.97
C ASN A 225 11.70 4.40 -32.22
N GLU A 226 12.54 5.18 -32.90
CA GLU A 226 13.71 5.83 -32.29
C GLU A 226 13.33 6.79 -31.14
N ARG A 227 12.03 7.19 -31.09
CA ARG A 227 11.47 8.08 -30.07
C ARG A 227 10.81 7.33 -28.90
N GLY A 228 10.93 6.00 -28.88
CA GLY A 228 10.40 5.15 -27.83
C GLY A 228 8.89 4.96 -27.82
N LYS A 229 8.24 5.18 -28.98
CA LYS A 229 6.79 5.05 -29.14
C LYS A 229 6.50 3.74 -29.84
N ILE A 230 5.35 3.11 -29.51
CA ILE A 230 4.92 1.87 -30.19
C ILE A 230 4.74 2.20 -31.66
N ILE A 231 5.24 1.32 -32.54
CA ILE A 231 5.05 1.40 -33.98
C ILE A 231 3.72 0.62 -34.15
N PRO A 232 2.56 1.29 -34.43
CA PRO A 232 1.27 0.57 -34.49
C PRO A 232 1.17 -0.59 -35.49
N ALA A 233 1.93 -0.56 -36.63
CA ALA A 233 1.92 -1.68 -37.58
C ALA A 233 2.54 -2.93 -36.98
N ASP A 234 3.50 -2.76 -36.04
CA ASP A 234 4.08 -3.93 -35.36
C ASP A 234 3.03 -4.58 -34.43
N PHE A 235 2.20 -3.75 -33.77
CA PHE A 235 1.13 -4.17 -32.87
C PHE A 235 0.07 -4.92 -33.66
N GLU A 236 -0.40 -4.36 -34.79
CA GLU A 236 -1.39 -5.02 -35.63
C GLU A 236 -0.87 -6.37 -36.10
N ALA A 237 0.41 -6.44 -36.47
CA ALA A 237 1.07 -7.69 -36.88
C ALA A 237 1.11 -8.73 -35.73
N LYS A 238 1.36 -8.30 -34.48
CA LYS A 238 1.42 -9.22 -33.35
C LYS A 238 0.06 -9.84 -33.00
N ILE A 239 -1.01 -9.06 -33.11
CA ILE A 239 -2.39 -9.50 -32.91
C ILE A 239 -2.69 -10.63 -33.92
N LEU A 240 -2.35 -10.39 -35.21
CA LEU A 240 -2.54 -11.35 -36.30
C LEU A 240 -1.69 -12.62 -36.11
N GLU A 241 -0.48 -12.50 -35.51
CA GLU A 241 0.39 -13.65 -35.24
C GLU A 241 -0.21 -14.54 -34.16
N ALA A 242 -0.68 -13.94 -33.04
CA ALA A 242 -1.35 -14.65 -31.95
C ALA A 242 -2.61 -15.37 -32.49
N LYS A 243 -3.43 -14.65 -33.29
CA LYS A 243 -4.68 -15.17 -33.86
C LYS A 243 -4.44 -16.41 -34.74
N GLN A 244 -3.42 -16.36 -35.65
CA GLN A 244 -2.98 -17.45 -36.53
C GLN A 244 -2.66 -18.73 -35.75
N LYS A 245 -2.05 -18.58 -34.54
CA LYS A 245 -1.68 -19.66 -33.61
C LYS A 245 -2.90 -20.18 -32.83
N GLY A 246 -4.05 -19.50 -32.96
CA GLY A 246 -5.26 -19.84 -32.26
C GLY A 246 -5.31 -19.22 -30.87
N TYR A 247 -4.39 -18.29 -30.58
CA TYR A 247 -4.33 -17.62 -29.27
C TYR A 247 -5.32 -16.48 -29.31
N VAL A 248 -5.80 -16.06 -28.13
CA VAL A 248 -6.79 -14.98 -28.06
C VAL A 248 -6.18 -13.64 -27.54
N PRO A 249 -5.92 -12.65 -28.45
CA PRO A 249 -5.46 -11.32 -27.98
C PRO A 249 -6.66 -10.59 -27.36
N PHE A 250 -6.48 -9.90 -26.22
CA PHE A 250 -7.63 -9.26 -25.60
C PHE A 250 -7.26 -7.95 -24.94
N TYR A 251 -5.97 -7.62 -24.88
CA TYR A 251 -5.55 -6.42 -24.14
C TYR A 251 -4.27 -5.84 -24.64
N VAL A 252 -4.21 -4.51 -24.63
CA VAL A 252 -3.01 -3.74 -24.93
C VAL A 252 -2.85 -2.68 -23.87
N ASN A 253 -1.59 -2.49 -23.43
CA ASN A 253 -1.21 -1.42 -22.53
C ASN A 253 -0.54 -0.37 -23.39
N ALA A 254 -1.14 0.83 -23.50
CA ALA A 254 -0.53 1.94 -24.23
C ALA A 254 0.06 2.81 -23.13
N THR A 255 1.34 3.15 -23.24
CA THR A 255 1.99 3.94 -22.20
C THR A 255 2.01 5.41 -22.56
N ALA A 256 1.33 6.21 -21.75
CA ALA A 256 1.33 7.65 -21.93
C ALA A 256 2.37 8.21 -21.00
N GLY A 257 3.62 8.06 -21.38
CA GLY A 257 4.71 8.60 -20.59
C GLY A 257 5.55 7.49 -20.00
N THR A 258 6.55 7.02 -20.77
CA THR A 258 7.43 5.95 -20.31
C THR A 258 8.39 6.49 -19.23
N THR A 259 8.88 5.61 -18.37
CA THR A 259 9.78 5.96 -17.25
C THR A 259 11.12 6.47 -17.72
N VAL A 260 11.63 5.90 -18.81
CA VAL A 260 12.95 6.29 -19.28
C VAL A 260 12.89 7.49 -20.25
N TYR A 261 12.41 7.27 -21.51
CA TYR A 261 12.36 8.36 -22.51
C TYR A 261 11.30 9.42 -22.22
N GLY A 262 10.27 9.06 -21.45
CA GLY A 262 9.13 9.95 -21.24
C GLY A 262 8.26 9.96 -22.49
N ALA A 263 8.41 8.94 -23.36
CA ALA A 263 7.66 8.82 -24.63
C ALA A 263 6.19 8.55 -24.41
N PHE A 264 5.34 9.04 -25.32
CA PHE A 264 3.91 8.82 -25.23
C PHE A 264 3.47 7.94 -26.38
N ASP A 265 2.78 6.85 -26.07
CA ASP A 265 2.32 5.94 -27.12
C ASP A 265 1.20 6.56 -27.96
N PRO A 266 1.18 6.32 -29.29
CA PRO A 266 0.09 6.86 -30.13
C PRO A 266 -1.24 6.15 -29.83
N ILE A 267 -1.94 6.63 -28.78
CA ILE A 267 -3.19 6.08 -28.27
C ILE A 267 -4.29 5.99 -29.34
N GLN A 268 -4.48 7.06 -30.16
CA GLN A 268 -5.51 7.12 -31.23
C GLN A 268 -5.40 5.96 -32.20
N GLU A 269 -4.17 5.73 -32.73
CA GLU A 269 -3.85 4.65 -33.68
C GLU A 269 -4.05 3.30 -32.99
N ILE A 270 -3.52 3.15 -31.76
CA ILE A 270 -3.66 1.93 -30.98
C ILE A 270 -5.14 1.60 -30.76
N ALA A 271 -5.93 2.61 -30.35
CA ALA A 271 -7.37 2.50 -30.09
C ALA A 271 -8.16 2.04 -31.33
N ASP A 272 -7.68 2.43 -32.55
CA ASP A 272 -8.31 2.05 -33.83
C ASP A 272 -8.09 0.56 -34.06
N ILE A 273 -6.86 0.07 -33.73
CA ILE A 273 -6.51 -1.34 -33.84
C ILE A 273 -7.39 -2.12 -32.84
N CYS A 274 -7.50 -1.62 -31.59
CA CYS A 274 -8.33 -2.21 -30.52
C CYS A 274 -9.81 -2.38 -30.93
N GLU A 275 -10.37 -1.38 -31.61
CA GLU A 275 -11.75 -1.31 -32.08
C GLU A 275 -11.99 -2.32 -33.21
N LYS A 276 -11.01 -2.45 -34.13
CA LYS A 276 -11.06 -3.39 -35.26
C LYS A 276 -11.03 -4.84 -34.76
N TYR A 277 -10.16 -5.16 -33.78
CA TYR A 277 -9.99 -6.54 -33.31
C TYR A 277 -10.68 -6.89 -31.99
N ASN A 278 -11.47 -5.94 -31.42
CA ASN A 278 -12.16 -6.08 -30.13
C ASN A 278 -11.21 -6.40 -28.95
N LEU A 279 -10.33 -5.45 -28.62
CA LEU A 279 -9.34 -5.58 -27.54
C LEU A 279 -9.53 -4.48 -26.50
N TRP A 280 -9.34 -4.83 -25.22
CA TRP A 280 -9.38 -3.82 -24.14
C TRP A 280 -8.19 -2.88 -24.34
N LEU A 281 -8.42 -1.58 -24.16
CA LEU A 281 -7.36 -0.59 -24.25
C LEU A 281 -7.09 -0.03 -22.85
N HIS A 282 -5.89 -0.26 -22.33
CA HIS A 282 -5.50 0.32 -21.05
C HIS A 282 -4.46 1.35 -21.29
N VAL A 283 -4.57 2.48 -20.61
CA VAL A 283 -3.53 3.50 -20.74
C VAL A 283 -2.83 3.66 -19.42
N ASP A 284 -1.54 3.37 -19.44
CA ASP A 284 -0.72 3.53 -18.25
C ASP A 284 -0.20 4.96 -18.29
N ALA A 285 -0.93 5.84 -17.60
CA ALA A 285 -0.60 7.26 -17.44
C ALA A 285 -0.09 7.53 -15.99
N ALA A 286 0.49 6.50 -15.32
CA ALA A 286 1.02 6.64 -13.96
C ALA A 286 1.98 7.82 -13.90
N TRP A 287 2.88 7.92 -14.89
CA TRP A 287 3.84 9.00 -15.02
C TRP A 287 3.30 10.21 -15.83
N GLY A 288 2.65 9.94 -16.97
CA GLY A 288 2.13 10.99 -17.85
C GLY A 288 0.81 11.64 -17.49
N GLY A 289 0.10 11.05 -16.53
CA GLY A 289 -1.20 11.49 -16.07
C GLY A 289 -1.26 12.94 -15.61
N GLY A 290 -0.19 13.37 -14.92
CA GLY A 290 -0.05 14.75 -14.48
C GLY A 290 -0.18 15.77 -15.61
N LEU A 291 0.16 15.40 -16.88
CA LEU A 291 0.05 16.34 -18.02
C LEU A 291 -1.38 16.57 -18.46
N LEU A 292 -2.31 15.72 -18.00
CA LEU A 292 -3.75 15.87 -18.25
C LEU A 292 -4.24 17.13 -17.57
N MET A 293 -3.54 17.57 -16.49
CA MET A 293 -3.81 18.77 -15.70
C MET A 293 -3.42 20.04 -16.45
N SER A 294 -2.54 19.92 -17.47
CA SER A 294 -2.06 21.04 -18.27
C SER A 294 -2.79 21.16 -19.60
N ARG A 295 -3.36 22.36 -19.86
CA ARG A 295 -4.07 22.68 -21.11
C ARG A 295 -3.10 22.58 -22.30
N LYS A 296 -1.85 23.04 -22.09
CA LYS A 296 -0.75 23.06 -23.05
C LYS A 296 -0.19 21.66 -23.41
N HIS A 297 -0.14 20.72 -22.44
CA HIS A 297 0.49 19.41 -22.66
C HIS A 297 -0.45 18.19 -22.82
N ARG A 298 -1.71 18.29 -22.32
CA ARG A 298 -2.73 17.22 -22.37
C ARG A 298 -2.96 16.54 -23.73
N HIS A 299 -2.51 17.17 -24.84
CA HIS A 299 -2.61 16.63 -26.21
C HIS A 299 -1.72 15.40 -26.39
N LYS A 300 -0.66 15.26 -25.56
CA LYS A 300 0.19 14.06 -25.58
C LYS A 300 -0.61 12.81 -25.14
N LEU A 301 -1.74 13.02 -24.46
CA LEU A 301 -2.62 11.94 -24.02
C LEU A 301 -3.86 11.77 -24.89
N ASN A 302 -4.00 12.56 -25.99
CA ASN A 302 -5.15 12.50 -26.90
C ASN A 302 -5.40 11.07 -27.31
N GLY A 303 -6.64 10.62 -27.12
CA GLY A 303 -7.05 9.24 -27.39
C GLY A 303 -7.35 8.48 -26.11
N ILE A 304 -6.91 9.03 -24.95
CA ILE A 304 -7.14 8.47 -23.61
C ILE A 304 -8.66 8.33 -23.34
N GLU A 305 -9.45 9.28 -23.87
CA GLU A 305 -10.90 9.27 -23.75
C GLU A 305 -11.51 7.94 -24.26
N ARG A 306 -10.80 7.26 -25.20
CA ARG A 306 -11.23 5.99 -25.81
C ARG A 306 -10.79 4.75 -25.02
N ALA A 307 -9.91 4.92 -24.02
CA ALA A 307 -9.43 3.84 -23.17
C ALA A 307 -10.53 3.20 -22.35
N ASN A 308 -10.39 1.90 -22.05
CA ASN A 308 -11.29 1.17 -21.18
C ASN A 308 -10.83 1.29 -19.73
N SER A 309 -9.55 1.66 -19.55
CA SER A 309 -8.98 1.86 -18.20
C SER A 309 -7.75 2.76 -18.27
N VAL A 310 -7.44 3.40 -17.14
CA VAL A 310 -6.33 4.34 -17.02
C VAL A 310 -5.72 4.17 -15.65
N THR A 311 -4.38 4.07 -15.59
CA THR A 311 -3.65 4.09 -14.34
C THR A 311 -3.11 5.52 -14.33
N TRP A 312 -3.22 6.19 -13.19
CA TRP A 312 -2.70 7.54 -13.00
C TRP A 312 -2.15 7.63 -11.57
N ASN A 313 -0.91 8.14 -11.44
CA ASN A 313 -0.27 8.31 -10.13
C ASN A 313 -0.09 9.78 -9.75
N PRO A 314 -1.07 10.40 -9.06
CA PRO A 314 -0.87 11.78 -8.58
C PRO A 314 0.40 11.92 -7.72
N HIS A 315 0.99 10.79 -7.24
CA HIS A 315 2.21 10.81 -6.44
C HIS A 315 3.45 11.08 -7.31
N MET A 317 3.86 13.19 -11.03
CA MET A 317 3.90 14.60 -11.41
C MET A 317 3.14 15.56 -10.50
N MET A 318 2.05 15.12 -9.86
CA MET A 318 1.29 16.04 -9.02
C MET A 318 1.80 16.29 -7.59
N GLY A 319 2.93 15.64 -7.25
CA GLY A 319 3.62 15.85 -5.98
C GLY A 319 2.93 15.29 -4.75
N VAL A 320 1.95 14.42 -4.94
CA VAL A 320 1.28 13.82 -3.81
C VAL A 320 2.30 12.86 -3.12
N LEU A 321 2.33 12.88 -1.79
CA LEU A 321 3.24 12.01 -1.07
C LEU A 321 2.81 10.55 -1.33
N LEU A 322 3.83 9.65 -1.43
CA LEU A 322 3.63 8.23 -1.71
C LEU A 322 2.74 7.60 -0.63
N GLN A 323 1.76 6.75 -0.98
CA GLN A 323 1.38 6.35 -2.33
C GLN A 323 0.05 7.01 -2.65
N CYS A 324 -0.18 7.29 -3.93
CA CYS A 324 -1.39 7.85 -4.50
C CYS A 324 -1.43 7.48 -5.96
N SER A 325 -2.14 6.39 -6.25
CA SER A 325 -2.32 5.87 -7.58
C SER A 325 -3.76 5.46 -7.74
N ALA A 326 -4.34 5.73 -8.91
CA ALA A 326 -5.71 5.35 -9.19
C ALA A 326 -5.79 4.56 -10.46
N ILE A 327 -6.64 3.55 -10.43
CA ILE A 327 -7.06 2.79 -11.59
C ILE A 327 -8.41 3.37 -11.86
N LEU A 328 -8.60 3.86 -13.08
CA LEU A 328 -9.86 4.38 -13.56
C LEU A 328 -10.39 3.39 -14.58
N VAL A 329 -11.68 3.01 -14.48
CA VAL A 329 -12.32 2.04 -15.38
C VAL A 329 -13.60 2.67 -15.95
N LYS A 330 -13.69 2.73 -17.30
CA LYS A 330 -14.78 3.37 -18.03
C LYS A 330 -16.15 2.76 -17.78
N GLU A 331 -16.22 1.43 -17.71
CA GLU A 331 -17.48 0.73 -17.49
C GLU A 331 -17.63 0.29 -16.03
N LYS A 332 -18.63 0.85 -15.33
CA LYS A 332 -18.95 0.53 -13.94
C LYS A 332 -19.37 -0.97 -13.84
N GLY A 333 -19.16 -1.58 -12.67
CA GLY A 333 -19.53 -2.97 -12.44
C GLY A 333 -18.44 -4.00 -12.69
N ILE A 334 -17.45 -3.67 -13.54
CA ILE A 334 -16.34 -4.56 -13.85
C ILE A 334 -15.46 -4.81 -12.61
N LEU A 335 -15.10 -3.75 -11.87
CA LEU A 335 -14.30 -3.92 -10.65
C LEU A 335 -15.05 -4.73 -9.58
N GLN A 336 -16.35 -4.46 -9.37
CA GLN A 336 -17.20 -5.18 -8.41
C GLN A 336 -17.34 -6.67 -8.82
N GLY A 337 -17.78 -6.93 -10.06
CA GLY A 337 -17.94 -8.28 -10.60
C GLY A 337 -16.66 -9.11 -10.56
N CYS A 338 -15.55 -8.51 -11.01
CA CYS A 338 -14.24 -9.16 -11.00
C CYS A 338 -13.78 -9.61 -9.59
N ASN A 339 -13.78 -8.66 -8.65
CA ASN A 339 -13.24 -8.80 -7.29
C ASN A 339 -14.16 -9.23 -6.15
N GLN A 340 -15.49 -9.17 -6.31
CA GLN A 340 -16.38 -9.51 -5.18
C GLN A 340 -16.31 -10.93 -4.67
N MET A 341 -16.37 -11.06 -3.34
CA MET A 341 -16.33 -12.35 -2.62
C MET A 341 -17.47 -12.45 -1.61
N HIS A 342 -18.16 -11.31 -1.37
CA HIS A 342 -19.35 -11.17 -0.52
C HIS A 342 -19.15 -11.57 0.94
N ALA A 343 -18.02 -11.17 1.56
CA ALA A 343 -17.73 -11.45 2.97
C ALA A 343 -18.80 -10.85 3.89
N SER A 344 -19.52 -11.73 4.61
CA SER A 344 -20.59 -11.37 5.54
C SER A 344 -20.12 -10.54 6.73
N TYR A 345 -18.84 -10.70 7.11
CA TYR A 345 -18.22 -9.99 8.25
C TYR A 345 -17.80 -8.55 7.93
N LEU A 346 -17.65 -8.24 6.62
CA LEU A 346 -17.23 -6.93 6.16
C LEU A 346 -18.34 -6.18 5.43
N PHE A 347 -18.93 -6.82 4.40
CA PHE A 347 -19.92 -6.15 3.59
C PHE A 347 -21.35 -6.65 3.77
N GLN A 348 -21.86 -6.45 5.00
CA GLN A 348 -23.23 -6.78 5.42
C GLN A 348 -24.21 -5.91 4.65
N GLN A 349 -25.22 -6.54 4.04
CA GLN A 349 -26.21 -5.88 3.19
C GLN A 349 -27.41 -5.30 3.94
N ASP A 350 -27.53 -5.58 5.26
CA ASP A 350 -28.63 -5.13 6.12
C ASP A 350 -28.23 -4.02 7.11
N LYS A 351 -27.30 -3.13 6.71
CA LYS A 351 -26.85 -2.02 7.54
C LYS A 351 -27.88 -0.88 7.61
N HIS A 352 -27.68 0.04 8.58
CA HIS A 352 -28.53 1.21 8.84
C HIS A 352 -28.48 2.23 7.69
N TYR A 353 -27.32 2.34 7.02
CA TYR A 353 -27.07 3.26 5.92
C TYR A 353 -26.99 2.56 4.55
N ASP A 354 -26.96 3.36 3.45
CA ASP A 354 -26.86 2.86 2.07
C ASP A 354 -25.50 2.22 1.82
N VAL A 355 -25.50 0.88 1.82
CA VAL A 355 -24.35 0.01 1.61
C VAL A 355 -23.61 0.18 0.26
N SER A 356 -24.26 0.75 -0.79
CA SER A 356 -23.62 0.96 -2.10
C SER A 356 -22.30 1.77 -1.95
N TYR A 357 -22.21 2.52 -0.84
CA TYR A 357 -21.08 3.34 -0.44
C TYR A 357 -19.97 2.50 0.22
N ASP A 358 -20.21 1.19 0.47
CA ASP A 358 -19.17 0.27 0.96
C ASP A 358 -18.55 -0.30 -0.31
N THR A 359 -17.42 0.31 -0.70
CA THR A 359 -16.70 0.03 -1.94
C THR A 359 -15.59 -1.02 -1.83
N GLY A 360 -15.30 -1.51 -0.63
CA GLY A 360 -14.23 -2.47 -0.35
C GLY A 360 -14.23 -3.82 -1.03
N ASP A 361 -15.39 -4.27 -1.55
CA ASP A 361 -15.51 -5.55 -2.26
C ASP A 361 -15.19 -5.43 -3.79
N LYS A 362 -14.71 -4.25 -4.25
CA LYS A 362 -14.32 -4.11 -5.64
C LYS A 362 -12.79 -4.07 -5.74
N ALA A 363 -12.12 -4.16 -4.58
CA ALA A 363 -10.67 -4.12 -4.48
C ALA A 363 -10.07 -5.52 -4.37
N ILE A 364 -8.76 -5.62 -4.65
CA ILE A 364 -7.97 -6.84 -4.49
C ILE A 364 -7.49 -6.88 -3.01
N GLN A 365 -7.53 -5.73 -2.33
CA GLN A 365 -7.14 -5.58 -0.94
C GLN A 365 -8.38 -5.75 -0.06
N CYS A 366 -8.16 -6.05 1.25
CA CYS A 366 -9.21 -6.07 2.23
C CYS A 366 -8.98 -4.70 2.90
N GLY A 367 -8.14 -4.66 3.93
CA GLY A 367 -7.73 -3.40 4.54
C GLY A 367 -7.05 -2.52 3.52
N ARG A 368 -7.32 -1.23 3.55
CA ARG A 368 -6.77 -0.30 2.59
C ARG A 368 -6.48 1.05 3.25
N HIS A 369 -5.23 1.50 3.11
CA HIS A 369 -4.78 2.77 3.67
C HIS A 369 -5.53 3.90 3.02
N VAL A 370 -5.73 4.99 3.77
CA VAL A 370 -6.41 6.19 3.25
C VAL A 370 -5.33 7.00 2.50
N ASP A 371 -5.41 7.08 1.18
CA ASP A 371 -4.44 7.87 0.42
C ASP A 371 -5.12 9.08 -0.20
N ILE A 372 -6.46 9.12 -0.12
CA ILE A 372 -7.27 10.20 -0.67
C ILE A 372 -7.09 11.56 0.00
N PHE A 373 -7.13 11.60 1.36
CA PHE A 373 -7.09 12.87 2.08
C PHE A 373 -5.99 13.82 1.67
N LYS A 374 -4.74 13.33 1.58
CA LYS A 374 -3.57 14.15 1.22
C LYS A 374 -3.72 14.76 -0.18
N PHE A 375 -4.31 13.99 -1.11
CA PHE A 375 -4.54 14.41 -2.48
C PHE A 375 -5.69 15.41 -2.57
N TRP A 376 -6.85 15.08 -1.93
CA TRP A 376 -8.02 15.95 -1.90
C TRP A 376 -7.64 17.30 -1.29
N LEU A 377 -6.89 17.28 -0.18
CA LEU A 377 -6.44 18.49 0.52
C LEU A 377 -5.53 19.34 -0.34
N MET A 378 -4.59 18.71 -1.08
CA MET A 378 -3.72 19.40 -2.03
C MET A 378 -4.54 19.99 -3.19
N TRP A 379 -5.61 19.32 -3.60
CA TRP A 379 -6.42 19.84 -4.68
C TRP A 379 -7.18 21.09 -4.20
N LYS A 380 -7.77 21.02 -3.00
CA LYS A 380 -8.46 22.18 -2.40
C LYS A 380 -7.48 23.36 -2.19
N ALA A 381 -6.22 23.08 -1.77
CA ALA A 381 -5.21 24.12 -1.53
C ALA A 381 -4.57 24.65 -2.79
N LYS A 382 -4.49 23.83 -3.85
CA LYS A 382 -3.85 24.27 -5.10
C LYS A 382 -4.82 24.68 -6.17
N GLY A 383 -5.95 23.97 -6.24
CA GLY A 383 -6.92 24.11 -7.31
C GLY A 383 -6.35 23.37 -8.50
N THR A 384 -7.10 23.23 -9.61
CA THR A 384 -6.57 22.60 -10.83
C THR A 384 -5.48 23.52 -11.43
N VAL A 385 -5.64 24.83 -11.26
CA VAL A 385 -4.71 25.86 -11.75
C VAL A 385 -3.36 25.70 -11.08
N GLY A 386 -3.36 25.43 -9.77
CA GLY A 386 -2.14 25.19 -9.01
C GLY A 386 -1.37 24.01 -9.58
N PHE A 387 -2.04 22.86 -9.79
CA PHE A 387 -1.39 21.68 -10.37
C PHE A 387 -0.91 21.98 -11.78
N GLU A 388 -1.73 22.68 -12.58
CA GLU A 388 -1.40 23.09 -13.96
C GLU A 388 -0.07 23.86 -13.98
N ASN A 389 0.01 24.93 -13.20
CA ASN A 389 1.18 25.81 -13.08
C ASN A 389 2.44 25.05 -12.73
N GLN A 390 2.33 24.20 -11.70
CA GLN A 390 3.39 23.35 -11.17
C GLN A 390 3.85 22.34 -12.24
N ILE A 391 2.91 21.69 -12.97
CA ILE A 391 3.28 20.71 -14.02
C ILE A 391 4.01 21.47 -15.12
N ASN A 392 3.43 22.62 -15.54
CA ASN A 392 3.97 23.48 -16.59
C ASN A 392 5.38 23.97 -16.29
N LYS A 393 5.65 24.34 -15.03
CA LYS A 393 6.98 24.79 -14.61
C LYS A 393 8.02 23.67 -14.74
N CYS A 394 7.69 22.42 -14.36
CA CYS A 394 8.64 21.30 -14.50
C CYS A 394 8.96 21.05 -15.97
N LEU A 395 7.92 21.07 -16.82
CA LEU A 395 8.09 20.84 -18.25
C LEU A 395 8.95 21.94 -18.89
N GLU A 396 8.74 23.21 -18.49
CA GLU A 396 9.57 24.34 -18.93
C GLU A 396 11.02 24.14 -18.47
N LEU A 397 11.21 23.61 -17.23
CA LEU A 397 12.56 23.28 -16.71
C LEU A 397 13.22 22.21 -17.57
N ALA A 398 12.43 21.20 -17.98
CA ALA A 398 12.86 20.09 -18.84
C ALA A 398 13.29 20.59 -20.23
N GLU A 399 12.52 21.54 -20.80
CA GLU A 399 12.81 22.16 -22.10
C GLU A 399 14.11 22.96 -21.99
N TYR A 400 14.26 23.70 -20.89
CA TYR A 400 15.47 24.49 -20.62
C TYR A 400 16.70 23.59 -20.58
N LEU A 401 16.62 22.44 -19.86
CA LEU A 401 17.68 21.44 -19.72
C LEU A 401 18.10 20.92 -21.09
N TYR A 402 17.12 20.47 -21.89
CA TYR A 402 17.33 19.94 -23.24
C TYR A 402 18.15 20.88 -24.11
N ALA A 403 17.68 22.12 -24.33
CA ALA A 403 18.36 23.15 -25.11
C ALA A 403 19.76 23.51 -24.58
N LYS A 404 19.92 23.54 -23.23
CA LYS A 404 21.19 23.87 -22.57
C LYS A 404 22.30 22.81 -22.74
N ILE A 405 21.93 21.57 -23.16
CA ILE A 405 22.89 20.48 -23.36
C ILE A 405 22.91 19.93 -24.80
N LYS A 406 21.77 19.98 -25.51
CA LYS A 406 21.54 19.43 -26.87
C LYS A 406 22.66 19.67 -27.89
N ASN A 407 23.21 20.90 -27.94
CA ASN A 407 24.27 21.23 -28.88
C ASN A 407 25.64 20.88 -28.32
N ARG A 408 25.90 21.23 -27.04
CA ARG A 408 27.14 21.06 -26.28
C ARG A 408 28.00 19.83 -26.61
N GLU A 409 29.32 20.07 -26.76
CA GLU A 409 30.32 19.05 -27.09
C GLU A 409 30.55 18.05 -25.94
N GLU A 410 30.45 18.54 -24.69
CA GLU A 410 30.63 17.75 -23.47
C GLU A 410 29.49 16.78 -23.16
N PHE A 411 28.40 16.81 -23.95
CA PHE A 411 27.25 15.93 -23.76
C PHE A 411 26.78 15.29 -25.09
N GLU A 412 25.87 14.31 -25.01
CA GLU A 412 25.33 13.65 -26.19
C GLU A 412 23.91 13.18 -25.93
N MET A 413 22.98 13.52 -26.83
CA MET A 413 21.59 13.11 -26.68
C MET A 413 21.40 11.64 -27.07
N VAL A 414 20.76 10.87 -26.19
CA VAL A 414 20.51 9.43 -26.37
C VAL A 414 19.70 9.12 -27.63
N PHE A 415 18.56 9.82 -27.83
CA PHE A 415 17.69 9.63 -28.99
C PHE A 415 17.37 10.96 -29.63
N ASN A 416 17.32 10.98 -30.97
CA ASN A 416 17.02 12.20 -31.72
C ASN A 416 15.51 12.48 -31.68
N GLY A 417 15.14 13.44 -30.85
CA GLY A 417 13.75 13.85 -30.66
C GLY A 417 13.56 14.74 -29.45
N GLU A 418 12.55 15.59 -29.51
CA GLU A 418 12.16 16.53 -28.46
C GLU A 418 11.58 15.76 -27.26
N PRO A 419 12.04 15.97 -26.01
CA PRO A 419 11.42 15.26 -24.88
C PRO A 419 9.93 15.62 -24.79
N GLU A 420 9.08 14.59 -24.61
CA GLU A 420 7.62 14.75 -24.51
C GLU A 420 7.17 14.96 -23.06
N HIS A 421 8.00 14.50 -22.10
CA HIS A 421 7.76 14.64 -20.66
C HIS A 421 8.93 15.42 -20.04
N THR A 422 9.21 15.23 -18.72
CA THR A 422 10.32 15.94 -18.09
C THR A 422 11.64 15.16 -18.15
N ASN A 423 11.58 13.92 -18.73
CA ASN A 423 12.71 13.01 -18.92
C ASN A 423 13.64 13.55 -20.02
N VAL A 424 14.92 13.75 -19.69
CA VAL A 424 15.92 14.24 -20.64
C VAL A 424 17.05 13.22 -20.59
N CYS A 425 17.22 12.47 -21.68
CA CYS A 425 18.21 11.40 -21.68
C CYS A 425 19.46 11.79 -22.41
N PHE A 426 20.60 11.64 -21.72
CA PHE A 426 21.90 12.04 -22.26
C PHE A 426 23.07 11.28 -21.65
N TRP A 427 24.23 11.40 -22.28
CA TRP A 427 25.51 10.84 -21.84
C TRP A 427 26.44 11.99 -21.56
N TYR A 428 27.30 11.85 -20.54
CA TYR A 428 28.36 12.86 -20.40
C TYR A 428 29.48 12.29 -21.26
N ILE A 429 30.09 13.14 -22.08
CA ILE A 429 31.19 12.65 -22.92
C ILE A 429 32.54 13.15 -22.37
N PRO A 430 33.37 12.28 -21.71
CA PRO A 430 34.70 12.74 -21.28
C PRO A 430 35.58 13.12 -22.46
N GLN A 431 36.51 14.08 -22.25
CA GLN A 431 37.45 14.61 -23.25
C GLN A 431 38.06 13.57 -24.19
N SER A 432 38.44 12.41 -23.63
CA SER A 432 39.04 11.26 -24.31
C SER A 432 38.14 10.58 -25.35
N LEU A 433 36.80 10.73 -25.20
CA LEU A 433 35.82 10.12 -26.10
C LEU A 433 35.27 11.12 -27.12
N ARG A 434 35.79 12.37 -27.09
CA ARG A 434 35.43 13.41 -28.04
C ARG A 434 36.66 13.74 -28.89
N GLY A 435 36.54 13.55 -30.20
CA GLY A 435 35.34 13.04 -30.85
C GLY A 435 35.58 11.70 -31.49
N VAL A 436 35.83 10.67 -30.67
CA VAL A 436 36.06 9.32 -31.18
C VAL A 436 34.80 8.79 -31.88
N PRO A 437 34.90 8.25 -33.11
CA PRO A 437 33.70 7.75 -33.79
C PRO A 437 32.99 6.64 -33.00
N ASP A 438 31.64 6.60 -33.09
CA ASP A 438 30.81 5.61 -32.42
C ASP A 438 31.18 4.18 -32.87
N SER A 439 31.82 3.44 -31.97
CA SER A 439 32.30 2.07 -32.19
C SER A 439 31.87 1.21 -31.02
N PRO A 440 31.93 -0.15 -31.08
CA PRO A 440 31.55 -0.95 -29.90
C PRO A 440 32.50 -0.75 -28.72
N GLN A 441 33.79 -0.46 -29.01
CA GLN A 441 34.82 -0.21 -27.99
C GLN A 441 34.64 1.15 -27.32
N ARG A 442 34.03 2.14 -28.04
CA ARG A 442 33.71 3.47 -27.49
C ARG A 442 32.50 3.37 -26.57
N ARG A 443 31.56 2.47 -26.89
CA ARG A 443 30.33 2.20 -26.12
C ARG A 443 30.71 1.64 -24.74
N GLU A 444 31.55 0.56 -24.73
CA GLU A 444 32.06 -0.12 -23.53
C GLU A 444 32.79 0.83 -22.57
N LYS A 445 33.55 1.81 -23.10
CA LYS A 445 34.26 2.83 -22.30
C LYS A 445 33.24 3.85 -21.75
N LEU A 446 32.31 4.29 -22.62
CA LEU A 446 31.26 5.23 -22.25
C LEU A 446 30.32 4.64 -21.16
N HIS A 447 30.03 3.34 -21.23
CA HIS A 447 29.19 2.61 -20.27
C HIS A 447 29.62 2.79 -18.80
N LYS A 448 30.94 2.96 -18.56
CA LYS A 448 31.57 3.13 -17.24
C LYS A 448 31.42 4.54 -16.66
N VAL A 449 31.30 5.56 -17.55
CA VAL A 449 31.21 6.98 -17.20
C VAL A 449 30.06 7.30 -16.22
N ALA A 450 28.78 7.08 -16.61
CA ALA A 450 27.61 7.36 -15.75
C ALA A 450 27.70 6.74 -14.34
N PRO A 451 27.99 5.41 -14.15
CA PRO A 451 28.13 4.88 -12.78
C PRO A 451 29.23 5.60 -11.99
N LYS A 452 30.40 5.83 -12.60
CA LYS A 452 31.52 6.53 -11.95
C LYS A 452 31.07 7.90 -11.44
N ILE A 453 30.42 8.70 -12.31
CA ILE A 453 29.91 10.02 -11.97
C ILE A 453 28.92 9.96 -10.82
N LYS A 454 27.99 8.99 -10.87
CA LYS A 454 26.99 8.80 -9.83
C LYS A 454 27.64 8.42 -8.49
N ALA A 455 28.64 7.52 -8.51
CA ALA A 455 29.34 7.10 -7.28
C ALA A 455 30.03 8.31 -6.58
N LEU A 456 30.62 9.23 -7.39
CA LEU A 456 31.26 10.46 -6.93
C LEU A 456 30.20 11.45 -6.43
N MET A 457 29.02 11.43 -7.07
CA MET A 457 27.86 12.26 -6.72
C MET A 457 27.37 11.87 -5.30
N MET A 458 27.45 10.56 -4.97
CA MET A 458 27.06 10.02 -3.68
C MET A 458 28.06 10.39 -2.59
N GLU A 459 29.34 10.56 -2.95
CA GLU A 459 30.40 10.94 -2.03
C GLU A 459 30.22 12.39 -1.54
N SER A 460 29.82 13.29 -2.45
CA SER A 460 29.59 14.71 -2.16
C SER A 460 28.17 14.98 -1.67
N GLY A 461 27.20 14.18 -2.12
CA GLY A 461 25.79 14.30 -1.76
C GLY A 461 25.13 15.62 -2.12
N THR A 462 25.64 16.28 -3.17
CA THR A 462 25.14 17.58 -3.62
C THR A 462 23.89 17.41 -4.49
N THR A 463 23.80 16.32 -5.25
CA THR A 463 22.68 15.98 -6.15
C THR A 463 22.56 14.46 -6.27
N MET A 464 21.51 14.00 -7.00
CA MET A 464 21.24 12.59 -7.30
C MET A 464 20.47 12.55 -8.61
N VAL A 465 20.93 11.71 -9.54
CA VAL A 465 20.31 11.49 -10.84
C VAL A 465 20.57 10.05 -11.25
N GLY A 466 19.53 9.40 -11.72
CA GLY A 466 19.59 8.04 -12.17
C GLY A 466 20.19 7.92 -13.54
N TYR A 467 20.80 6.79 -13.76
CA TYR A 467 21.40 6.39 -15.01
C TYR A 467 20.91 4.98 -15.27
N GLN A 468 20.96 4.54 -16.52
CA GLN A 468 20.57 3.19 -16.91
C GLN A 468 20.87 2.95 -18.38
N PRO A 469 21.13 1.69 -18.79
CA PRO A 469 21.31 1.44 -20.22
C PRO A 469 19.91 1.15 -20.83
N GLN A 470 19.84 0.94 -22.16
CA GLN A 470 18.59 0.58 -22.87
C GLN A 470 18.95 -0.01 -24.21
N GLY A 471 18.60 -1.28 -24.40
CA GLY A 471 18.91 -2.03 -25.61
C GLY A 471 20.40 -2.20 -25.76
N ASP A 472 20.94 -1.70 -26.87
CA ASP A 472 22.36 -1.74 -27.21
C ASP A 472 23.08 -0.47 -26.73
N LYS A 473 22.34 0.48 -26.12
CA LYS A 473 22.86 1.75 -25.62
C LYS A 473 23.55 1.64 -24.27
N ALA A 474 24.73 2.24 -24.18
CA ALA A 474 25.54 2.28 -22.97
C ALA A 474 24.83 3.14 -21.89
N ASN A 475 25.16 2.90 -20.59
CA ASN A 475 24.60 3.63 -19.45
C ASN A 475 24.46 5.11 -19.73
N PHE A 476 23.25 5.66 -19.56
CA PHE A 476 22.99 7.09 -19.79
C PHE A 476 22.21 7.72 -18.66
N PHE A 477 22.39 9.03 -18.47
CA PHE A 477 21.64 9.75 -17.44
C PHE A 477 20.26 10.01 -17.92
N ARG A 478 19.31 9.87 -17.02
CA ARG A 478 17.95 10.17 -17.32
C ARG A 478 17.55 11.20 -16.30
N MET A 479 17.72 12.49 -16.65
CA MET A 479 17.28 13.58 -15.80
C MET A 479 15.76 13.57 -15.83
N VAL A 480 15.12 13.87 -14.72
CA VAL A 480 13.65 13.90 -14.57
C VAL A 480 13.28 15.01 -13.58
N ILE A 481 12.21 15.76 -13.90
CA ILE A 481 11.78 16.87 -13.05
C ILE A 481 10.32 16.76 -12.63
N SER A 482 10.09 16.64 -11.33
CA SER A 482 8.73 16.59 -10.74
C SER A 482 8.69 17.39 -9.44
N ASN A 483 9.85 17.89 -8.99
CA ASN A 483 9.87 18.65 -7.75
C ASN A 483 9.58 20.11 -8.04
N PRO A 484 8.51 20.72 -7.44
CA PRO A 484 8.28 22.17 -7.65
C PRO A 484 9.44 23.00 -7.09
N ALA A 485 10.22 22.45 -6.15
CA ALA A 485 11.38 23.10 -5.54
C ALA A 485 12.55 23.23 -6.51
N ALA A 486 12.59 22.42 -7.60
CA ALA A 486 13.66 22.53 -8.58
C ALA A 486 13.47 23.81 -9.40
N THR A 487 14.56 24.58 -9.57
CA THR A 487 14.57 25.82 -10.34
C THR A 487 15.63 25.70 -11.44
N GLN A 488 15.77 26.74 -12.26
CA GLN A 488 16.72 26.82 -13.36
C GLN A 488 18.19 26.72 -12.87
N SER A 489 18.52 27.37 -11.73
CA SER A 489 19.86 27.32 -11.15
C SER A 489 20.22 25.92 -10.68
N ASP A 490 19.19 25.13 -10.31
CA ASP A 490 19.36 23.74 -9.91
C ASP A 490 19.72 22.90 -11.12
N ILE A 491 19.18 23.23 -12.31
CA ILE A 491 19.49 22.58 -13.60
C ILE A 491 20.94 22.86 -13.99
N ASP A 492 21.35 24.16 -13.93
CA ASP A 492 22.70 24.63 -14.22
C ASP A 492 23.68 23.91 -13.32
N PHE A 493 23.35 23.80 -12.01
CA PHE A 493 24.15 23.10 -11.01
C PHE A 493 24.36 21.62 -11.37
N LEU A 494 23.31 20.93 -11.89
CA LEU A 494 23.40 19.52 -12.26
C LEU A 494 24.36 19.28 -13.43
N ILE A 495 24.27 20.11 -14.49
CA ILE A 495 25.15 20.01 -15.66
C ILE A 495 26.58 20.34 -15.26
N GLU A 496 26.74 21.36 -14.39
CA GLU A 496 28.03 21.80 -13.85
C GLU A 496 28.60 20.72 -12.97
N GLU A 497 27.76 20.00 -12.20
CA GLU A 497 28.25 18.94 -11.35
C GLU A 497 28.66 17.73 -12.17
N ILE A 498 27.81 17.28 -13.11
CA ILE A 498 28.13 16.16 -14.00
C ILE A 498 29.45 16.44 -14.73
N GLU A 499 29.60 17.68 -15.27
CA GLU A 499 30.81 18.10 -15.98
C GLU A 499 32.04 18.11 -15.06
N ARG A 500 31.90 18.68 -13.84
CA ARG A 500 32.98 18.72 -12.83
C ARG A 500 33.39 17.30 -12.46
N LEU A 501 32.40 16.44 -12.21
CA LEU A 501 32.61 15.06 -11.80
C LEU A 501 33.15 14.21 -12.93
N GLY A 502 32.76 14.54 -14.17
CA GLY A 502 33.21 13.83 -15.36
C GLY A 502 34.68 14.06 -15.68
N GLN A 503 35.21 15.23 -15.32
CA GLN A 503 36.60 15.63 -15.52
C GLN A 503 37.50 14.97 -14.48
N PHE B 6 -3.96 33.88 7.81
CA PHE B 6 -3.92 32.71 6.93
C PHE B 6 -5.15 32.64 5.98
N SER B 7 -6.13 33.52 6.18
CA SER B 7 -7.34 33.66 5.35
C SER B 7 -7.01 34.38 4.02
N ASN B 8 -5.83 35.05 3.95
CA ASN B 8 -5.30 35.77 2.79
C ASN B 8 -4.03 35.09 2.26
N LEU B 9 -3.65 33.95 2.87
CA LEU B 9 -2.47 33.18 2.53
C LEU B 9 -2.85 31.86 1.87
N PHE B 10 -2.10 31.49 0.82
CA PHE B 10 -2.36 30.28 0.06
C PHE B 10 -1.16 29.30 0.09
N ALA B 11 -1.36 28.07 -0.42
CA ALA B 11 -0.37 26.97 -0.48
C ALA B 11 0.86 27.37 -1.31
N ARG B 12 0.63 28.06 -2.44
CA ARG B 12 1.63 28.61 -3.36
C ARG B 12 2.66 29.47 -2.63
N ASP B 13 2.29 30.01 -1.44
CA ASP B 13 3.13 30.87 -0.60
C ASP B 13 4.07 30.10 0.33
N LEU B 14 3.70 28.86 0.70
CA LEU B 14 4.55 28.04 1.57
C LEU B 14 5.73 27.49 0.75
N LEU B 15 6.78 26.99 1.43
CA LEU B 15 7.92 26.30 0.81
C LEU B 15 7.36 25.26 -0.22
N PRO B 16 7.95 25.12 -1.42
CA PRO B 16 9.22 25.69 -1.89
C PRO B 16 9.29 27.19 -2.20
N ALA B 17 8.16 27.95 -2.26
CA ALA B 17 8.24 29.38 -2.58
C ALA B 17 9.29 30.09 -1.72
N LYS B 18 10.17 30.89 -2.36
CA LYS B 18 11.24 31.59 -1.67
C LYS B 18 10.69 32.49 -0.57
N ASN B 19 11.36 32.47 0.60
CA ASN B 19 10.98 33.23 1.81
C ASN B 19 9.73 32.68 2.55
N GLY B 20 9.26 31.48 2.16
CA GLY B 20 8.09 30.87 2.78
C GLY B 20 8.36 30.01 4.00
N GLU B 21 9.60 29.99 4.49
CA GLU B 21 10.01 29.16 5.64
C GLU B 21 9.18 29.35 6.94
N GLU B 22 8.99 30.61 7.37
CA GLU B 22 8.24 30.95 8.60
C GLU B 22 6.74 30.65 8.56
N GLN B 23 6.06 30.96 7.44
CA GLN B 23 4.63 30.70 7.25
C GLN B 23 4.34 29.17 7.26
N THR B 24 5.26 28.39 6.67
CA THR B 24 5.22 26.91 6.57
C THR B 24 5.15 26.30 7.98
N VAL B 25 6.04 26.74 8.87
CA VAL B 25 6.12 26.30 10.28
C VAL B 25 4.85 26.65 11.04
N GLN B 26 4.34 27.90 10.89
CA GLN B 26 3.10 28.33 11.54
C GLN B 26 1.95 27.47 11.03
N PHE B 27 1.86 27.28 9.70
CA PHE B 27 0.84 26.45 9.10
C PHE B 27 0.84 25.05 9.70
N LEU B 28 2.03 24.40 9.72
CA LEU B 28 2.20 23.05 10.27
C LEU B 28 1.90 22.97 11.76
N LEU B 29 2.31 23.98 12.55
CA LEU B 29 1.98 24.03 13.99
C LEU B 29 0.46 24.22 14.21
N GLU B 30 -0.23 24.94 13.29
CA GLU B 30 -1.69 25.07 13.32
C GLU B 30 -2.35 23.69 13.10
N VAL B 31 -1.87 22.94 12.07
CA VAL B 31 -2.32 21.58 11.75
C VAL B 31 -2.14 20.66 12.97
N VAL B 32 -0.93 20.68 13.56
CA VAL B 32 -0.55 19.88 14.73
C VAL B 32 -1.44 20.20 15.96
N ASP B 33 -1.85 21.49 16.15
CA ASP B 33 -2.76 21.87 17.24
C ASP B 33 -4.11 21.15 17.09
N ILE B 34 -4.65 21.11 15.88
CA ILE B 34 -5.89 20.40 15.56
C ILE B 34 -5.71 18.90 15.84
N LEU B 35 -4.57 18.33 15.41
CA LEU B 35 -4.28 16.91 15.60
C LEU B 35 -4.17 16.58 17.08
N LEU B 36 -3.50 17.46 17.87
CA LEU B 36 -3.34 17.27 19.31
C LEU B 36 -4.67 17.27 20.05
N ASN B 37 -5.57 18.23 19.72
CA ASN B 37 -6.89 18.30 20.36
C ASN B 37 -7.68 17.01 20.12
N TYR B 38 -7.58 16.46 18.89
CA TYR B 38 -8.24 15.22 18.49
C TYR B 38 -7.64 14.05 19.28
N VAL B 39 -6.29 14.03 19.44
CA VAL B 39 -5.55 13.02 20.21
C VAL B 39 -6.02 13.05 21.66
N ARG B 40 -6.10 14.25 22.25
CA ARG B 40 -6.58 14.50 23.63
C ARG B 40 -8.02 13.97 23.82
N LYS B 41 -8.90 14.18 22.82
CA LYS B 41 -10.30 13.81 22.83
C LYS B 41 -10.54 12.33 22.56
N THR B 42 -9.57 11.66 21.90
CA THR B 42 -9.62 10.23 21.56
C THR B 42 -9.62 9.35 22.82
N PHE B 43 -8.93 9.82 23.86
CA PHE B 43 -8.80 9.15 25.15
C PHE B 43 -9.84 9.63 26.18
N ASP B 44 -10.66 10.62 25.78
CA ASP B 44 -11.74 11.20 26.59
C ASP B 44 -13.07 10.48 26.30
N ARG B 45 -13.63 9.83 27.33
CA ARG B 45 -14.87 9.07 27.25
C ARG B 45 -16.14 9.94 27.11
N SER B 46 -16.02 11.27 27.28
CA SER B 46 -17.11 12.23 27.11
C SER B 46 -17.42 12.43 25.62
N THR B 47 -16.40 12.23 24.74
CA THR B 47 -16.48 12.36 23.28
C THR B 47 -17.17 11.12 22.67
N LYS B 48 -18.00 11.35 21.64
CA LYS B 48 -18.68 10.30 20.88
C LYS B 48 -17.61 9.55 20.07
N VAL B 49 -17.84 8.26 19.81
CA VAL B 49 -16.95 7.43 18.97
C VAL B 49 -17.11 7.96 17.51
N LEU B 50 -18.35 8.34 17.16
CA LEU B 50 -18.71 8.90 15.85
C LEU B 50 -19.95 9.78 15.96
N ASP B 51 -19.97 10.85 15.17
CA ASP B 51 -21.14 11.71 15.04
C ASP B 51 -21.65 11.27 13.69
N PHE B 52 -22.52 10.25 13.69
CA PHE B 52 -23.04 9.62 12.46
C PHE B 52 -23.86 10.52 11.57
N HIS B 53 -23.63 10.37 10.26
CA HIS B 53 -24.32 11.08 9.18
C HIS B 53 -24.41 10.14 8.00
N HIS B 54 -25.57 10.11 7.32
CA HIS B 54 -25.78 9.29 6.11
C HIS B 54 -25.03 9.93 4.93
N PRO B 55 -24.54 9.15 3.92
CA PRO B 55 -23.79 9.76 2.79
C PRO B 55 -24.36 11.04 2.17
N HIS B 56 -25.70 11.08 1.93
CA HIS B 56 -26.38 12.26 1.37
C HIS B 56 -26.23 13.55 2.19
N GLN B 57 -26.27 13.44 3.54
CA GLN B 57 -26.11 14.58 4.47
C GLN B 57 -24.74 15.28 4.37
N LEU B 58 -23.70 14.58 3.88
CA LEU B 58 -22.34 15.12 3.67
C LEU B 58 -22.16 15.57 2.23
N LEU B 59 -22.76 14.82 1.27
CA LEU B 59 -22.71 15.14 -0.17
C LEU B 59 -23.42 16.46 -0.42
N GLU B 60 -24.59 16.68 0.24
CA GLU B 60 -25.36 17.92 0.16
C GLU B 60 -24.63 19.03 0.94
N GLY B 61 -23.68 18.61 1.79
CA GLY B 61 -22.81 19.49 2.56
C GLY B 61 -23.33 19.91 3.92
N MET B 62 -22.49 19.71 4.96
CA MET B 62 -22.76 20.14 6.34
C MET B 62 -22.53 21.65 6.39
N GLU B 63 -23.02 22.32 7.47
CA GLU B 63 -22.88 23.76 7.65
C GLU B 63 -21.44 24.30 7.49
N GLY B 64 -21.05 24.50 6.23
CA GLY B 64 -19.76 25.04 5.85
C GLY B 64 -18.65 24.05 5.55
N PHE B 65 -18.99 22.82 5.10
CA PHE B 65 -18.01 21.78 4.75
C PHE B 65 -18.21 21.28 3.31
N ASN B 66 -17.46 21.87 2.37
CA ASN B 66 -17.55 21.56 0.94
C ASN B 66 -16.54 20.50 0.54
N LEU B 67 -17.06 19.32 0.12
CA LEU B 67 -16.24 18.20 -0.29
C LEU B 67 -15.81 18.30 -1.77
N GLU B 68 -16.52 19.13 -2.55
CA GLU B 68 -16.29 19.32 -4.00
C GLU B 68 -14.97 20.02 -4.32
N LEU B 69 -14.39 19.70 -5.49
CA LEU B 69 -13.14 20.28 -5.97
C LEU B 69 -13.38 21.39 -7.00
N SER B 70 -12.43 22.36 -7.07
CA SER B 70 -12.49 23.53 -7.96
C SER B 70 -11.17 23.80 -8.69
N ASP B 71 -11.19 24.76 -9.65
CA ASP B 71 -10.01 25.16 -10.40
C ASP B 71 -9.19 26.14 -9.58
N HIS B 72 -9.83 26.76 -8.59
CA HIS B 72 -9.25 27.80 -7.77
C HIS B 72 -8.84 27.30 -6.41
N PRO B 73 -7.65 27.73 -5.94
CA PRO B 73 -7.21 27.30 -4.60
C PRO B 73 -8.03 27.98 -3.50
N GLU B 74 -8.25 27.25 -2.39
CA GLU B 74 -8.92 27.80 -1.20
C GLU B 74 -7.79 28.34 -0.32
N SER B 75 -8.11 29.19 0.67
CA SER B 75 -7.08 29.78 1.53
C SER B 75 -6.57 28.79 2.58
N LEU B 76 -5.39 29.08 3.13
CA LEU B 76 -4.75 28.31 4.20
C LEU B 76 -5.72 28.21 5.41
N GLU B 77 -6.50 29.30 5.75
CA GLU B 77 -7.48 29.21 6.85
C GLU B 77 -8.64 28.26 6.50
N GLN B 78 -9.05 28.21 5.21
CA GLN B 78 -10.08 27.25 4.79
C GLN B 78 -9.53 25.80 4.85
N ILE B 79 -8.22 25.62 4.62
CA ILE B 79 -7.54 24.31 4.69
C ILE B 79 -7.61 23.77 6.11
N LEU B 80 -7.29 24.62 7.10
CA LEU B 80 -7.35 24.34 8.54
C LEU B 80 -8.77 23.98 8.96
N VAL B 81 -9.77 24.76 8.49
CA VAL B 81 -11.19 24.49 8.73
C VAL B 81 -11.55 23.11 8.12
N ASP B 82 -11.09 22.81 6.88
CA ASP B 82 -11.34 21.53 6.21
C ASP B 82 -10.79 20.33 7.00
N CYS B 83 -9.57 20.52 7.57
CA CYS B 83 -8.89 19.55 8.42
C CYS B 83 -9.73 19.26 9.67
N ARG B 84 -10.16 20.32 10.38
CA ARG B 84 -10.99 20.23 11.58
C ARG B 84 -12.29 19.49 11.33
N ASP B 85 -12.97 19.79 10.19
CA ASP B 85 -14.25 19.20 9.80
C ASP B 85 -14.11 17.74 9.48
N THR B 86 -13.04 17.37 8.72
CA THR B 86 -12.72 15.98 8.36
C THR B 86 -12.68 15.15 9.65
N LEU B 87 -11.90 15.60 10.65
CA LEU B 87 -11.79 14.94 11.96
C LEU B 87 -13.09 14.95 12.75
N LYS B 88 -13.85 16.08 12.70
CA LYS B 88 -15.14 16.24 13.35
C LYS B 88 -16.16 15.17 12.90
N TYR B 89 -16.18 14.87 11.59
CA TYR B 89 -17.13 13.91 10.98
C TYR B 89 -16.62 12.46 10.73
N GLY B 90 -15.39 12.18 11.16
CA GLY B 90 -14.79 10.84 11.03
C GLY B 90 -15.00 10.01 12.28
N VAL B 91 -14.57 8.75 12.22
CA VAL B 91 -14.71 7.85 13.36
C VAL B 91 -13.45 7.93 14.24
N ARG B 92 -13.62 7.92 15.58
CA ARG B 92 -12.54 7.93 16.58
C ARG B 92 -12.12 6.49 16.76
N THR B 93 -11.25 6.01 15.87
CA THR B 93 -10.78 4.64 15.87
C THR B 93 -9.88 4.31 17.06
N GLY B 94 -9.46 5.35 17.80
CA GLY B 94 -8.63 5.20 18.98
C GLY B 94 -9.43 5.18 20.28
N HIS B 95 -10.73 5.52 20.17
CA HIS B 95 -11.64 5.61 21.29
C HIS B 95 -11.66 4.32 22.07
N PRO B 96 -11.57 4.37 23.43
CA PRO B 96 -11.61 3.13 24.22
C PRO B 96 -12.90 2.32 24.01
N ARG B 97 -13.94 2.94 23.45
CA ARG B 97 -15.21 2.26 23.18
C ARG B 97 -15.41 1.87 21.71
N PHE B 98 -14.35 2.00 20.91
CA PHE B 98 -14.36 1.56 19.52
C PHE B 98 -14.00 0.07 19.50
N PHE B 99 -14.96 -0.82 19.15
CA PHE B 99 -14.71 -2.27 19.10
C PHE B 99 -15.21 -2.84 17.80
N ASN B 100 -15.32 -1.99 16.78
CA ASN B 100 -15.90 -2.33 15.47
C ASN B 100 -15.04 -3.16 14.56
N GLN B 101 -13.72 -3.07 14.73
CA GLN B 101 -12.75 -3.70 13.84
C GLN B 101 -11.68 -4.46 14.62
N LEU B 102 -10.85 -5.22 13.89
CA LEU B 102 -9.70 -5.94 14.47
C LEU B 102 -8.58 -4.93 14.74
N SER B 103 -8.52 -3.84 13.94
CA SER B 103 -7.59 -2.74 14.14
C SER B 103 -8.37 -1.64 14.89
N THR B 104 -7.88 -1.26 16.09
CA THR B 104 -8.45 -0.23 16.98
C THR B 104 -7.32 0.43 17.79
N GLY B 105 -7.60 1.57 18.41
CA GLY B 105 -6.64 2.29 19.24
C GLY B 105 -5.72 3.20 18.48
N LEU B 106 -4.99 4.04 19.19
CA LEU B 106 -4.01 4.95 18.60
C LEU B 106 -2.75 4.96 19.46
N ASP B 107 -1.72 4.26 18.96
CA ASP B 107 -0.44 4.25 19.63
C ASP B 107 0.25 5.58 19.31
N ILE B 108 0.64 6.32 20.36
CA ILE B 108 1.30 7.63 20.24
C ILE B 108 2.66 7.47 19.55
N ILE B 109 3.43 6.41 19.90
CA ILE B 109 4.73 6.16 19.26
C ILE B 109 4.50 5.84 17.76
N GLY B 110 3.48 5.03 17.49
CA GLY B 110 3.06 4.72 16.14
C GLY B 110 2.75 5.95 15.32
N LEU B 111 1.95 6.88 15.90
CA LEU B 111 1.54 8.12 15.24
C LEU B 111 2.77 9.01 14.98
N ALA B 112 3.70 9.10 15.99
CA ALA B 112 4.94 9.87 15.83
C ALA B 112 5.75 9.24 14.70
N GLY B 113 5.73 7.92 14.63
CA GLY B 113 6.41 7.14 13.59
C GLY B 113 5.83 7.46 12.22
N GLU B 114 4.49 7.49 12.13
CA GLU B 114 3.82 7.81 10.85
C GLU B 114 4.22 9.20 10.37
N TRP B 115 4.11 10.20 11.26
CA TRP B 115 4.45 11.59 11.00
C TRP B 115 5.88 11.71 10.45
N LEU B 116 6.84 10.98 11.02
CA LEU B 116 8.23 11.01 10.54
C LEU B 116 8.34 10.39 9.14
N THR B 117 7.68 9.24 8.96
CA THR B 117 7.64 8.52 7.67
C THR B 117 7.20 9.43 6.53
N SER B 118 6.09 10.16 6.74
CA SER B 118 5.54 11.12 5.74
C SER B 118 6.51 12.25 5.47
N THR B 119 7.23 12.71 6.53
CA THR B 119 8.25 13.75 6.36
C THR B 119 9.40 13.21 5.47
N ALA B 120 9.83 11.94 5.71
CA ALA B 120 10.92 11.32 4.95
C ALA B 120 10.50 10.98 3.50
N ASN B 121 9.17 10.88 3.24
CA ASN B 121 8.52 10.68 1.93
C ASN B 121 9.39 10.00 0.89
N THR B 122 9.66 8.72 1.13
CA THR B 122 10.48 7.94 0.22
C THR B 122 9.80 6.64 -0.15
N ASN B 123 10.51 5.86 -0.94
CA ASN B 123 10.06 4.61 -1.51
C ASN B 123 10.96 3.48 -0.99
N MET B 124 10.36 2.36 -0.59
CA MET B 124 11.06 1.18 -0.05
C MET B 124 11.86 0.38 -1.06
N PHE B 125 11.55 0.57 -2.35
CA PHE B 125 12.09 -0.28 -3.41
C PHE B 125 13.59 -0.35 -3.61
N THR B 126 14.35 0.62 -3.09
CA THR B 126 15.81 0.58 -3.22
C THR B 126 16.51 1.10 -1.98
N TYR B 127 17.69 0.51 -1.67
CA TYR B 127 18.57 0.97 -0.58
C TYR B 127 19.05 2.39 -0.92
N GLU B 128 19.12 2.66 -2.23
CA GLU B 128 19.55 3.95 -2.78
C GLU B 128 18.81 5.18 -2.20
N ILE B 129 17.46 5.08 -2.04
CA ILE B 129 16.59 6.18 -1.57
C ILE B 129 15.88 5.92 -0.24
N ALA B 130 16.00 4.71 0.28
CA ALA B 130 15.43 4.38 1.59
C ALA B 130 16.50 3.59 2.35
N PRO B 131 17.76 4.07 2.54
CA PRO B 131 18.75 3.24 3.23
C PRO B 131 18.41 2.74 4.63
N VAL B 132 17.96 3.64 5.51
CA VAL B 132 17.65 3.29 6.90
C VAL B 132 16.44 2.34 6.98
N PHE B 133 15.37 2.67 6.25
CA PHE B 133 14.13 1.92 6.26
C PHE B 133 14.35 0.51 5.72
N VAL B 134 15.15 0.36 4.66
CA VAL B 134 15.48 -0.94 4.10
C VAL B 134 16.19 -1.82 5.15
N LEU B 135 17.15 -1.22 5.93
CA LEU B 135 17.89 -1.94 6.94
C LEU B 135 16.99 -2.32 8.11
N MET B 136 16.10 -1.41 8.51
CA MET B 136 15.13 -1.58 9.59
C MET B 136 14.17 -2.71 9.24
N GLU B 137 13.79 -2.83 7.95
CA GLU B 137 12.89 -3.88 7.47
C GLU B 137 13.54 -5.27 7.59
N GLN B 138 14.80 -5.38 7.16
CA GLN B 138 15.59 -6.60 7.23
C GLN B 138 15.75 -7.05 8.69
N ILE B 139 16.08 -6.09 9.57
CA ILE B 139 16.20 -6.32 11.00
C ILE B 139 14.89 -6.88 11.63
N THR B 140 13.77 -6.15 11.46
CA THR B 140 12.45 -6.47 11.98
C THR B 140 11.96 -7.80 11.45
N LEU B 141 12.08 -8.04 10.13
CA LEU B 141 11.65 -9.33 9.53
C LEU B 141 12.48 -10.48 10.08
N LYS B 142 13.76 -10.24 10.48
CA LYS B 142 14.56 -11.32 11.07
C LYS B 142 14.02 -11.70 12.43
N LYS B 143 13.70 -10.69 13.25
CA LYS B 143 13.16 -10.85 14.59
C LYS B 143 11.82 -11.54 14.57
N MET B 144 10.94 -11.12 13.67
CA MET B 144 9.62 -11.73 13.46
C MET B 144 9.77 -13.22 13.15
N ARG B 145 10.76 -13.58 12.32
CA ARG B 145 11.02 -14.97 11.98
C ARG B 145 11.55 -15.72 13.19
N GLU B 146 12.38 -15.05 14.04
CA GLU B 146 12.90 -15.69 15.24
C GLU B 146 11.77 -16.05 16.17
N ILE B 147 10.82 -15.12 16.35
CA ILE B 147 9.65 -15.28 17.23
C ILE B 147 8.73 -16.41 16.73
N VAL B 148 8.63 -16.57 15.40
CA VAL B 148 7.86 -17.64 14.77
C VAL B 148 8.46 -19.00 15.13
N GLY B 149 9.78 -19.01 15.35
CA GLY B 149 10.53 -20.20 15.74
C GLY B 149 11.36 -20.78 14.62
N TRP B 150 11.51 -20.00 13.53
CA TRP B 150 12.30 -20.48 12.38
C TRP B 150 13.77 -20.37 12.66
N SER B 151 14.54 -21.30 12.12
CA SER B 151 15.99 -21.27 12.22
C SER B 151 16.51 -20.13 11.32
N SER B 152 17.64 -19.55 11.70
CA SER B 152 18.31 -18.50 10.93
C SER B 152 19.09 -19.07 9.73
N LYS B 153 19.11 -20.42 9.57
CA LYS B 153 19.73 -21.09 8.42
C LYS B 153 19.09 -20.67 7.08
N ASP B 154 17.88 -20.07 7.14
CA ASP B 154 17.13 -19.58 6.00
C ASP B 154 16.04 -18.58 6.48
N GLY B 155 15.31 -17.95 5.58
CA GLY B 155 14.29 -17.00 6.01
C GLY B 155 14.29 -15.77 5.15
N ASP B 156 13.10 -15.28 4.85
CA ASP B 156 12.92 -14.15 3.95
C ASP B 156 11.61 -13.48 4.35
N GLY B 157 11.27 -12.43 3.62
CA GLY B 157 10.00 -11.76 3.84
C GLY B 157 9.95 -10.38 3.26
N ILE B 158 8.77 -9.74 3.34
CA ILE B 158 8.53 -8.39 2.86
C ILE B 158 7.28 -7.87 3.48
N PHE B 159 7.21 -6.56 3.65
CA PHE B 159 6.01 -5.87 4.12
C PHE B 159 5.13 -5.64 2.93
N SER B 160 3.83 -5.87 3.10
CA SER B 160 2.91 -5.75 1.99
C SER B 160 1.75 -4.81 2.31
N PRO B 161 1.07 -4.25 1.28
CA PRO B 161 -0.04 -3.35 1.55
C PRO B 161 -1.31 -4.10 1.97
N GLY B 162 -1.25 -4.69 3.16
CA GLY B 162 -2.35 -5.45 3.76
C GLY B 162 -2.10 -6.95 3.75
N GLY B 163 -2.66 -7.66 4.73
CA GLY B 163 -2.57 -9.12 4.90
C GLY B 163 -3.16 -9.90 3.74
N ALA B 164 -4.13 -9.31 3.00
CA ALA B 164 -4.77 -9.91 1.82
C ALA B 164 -3.73 -10.08 0.72
N ILE B 165 -2.79 -9.13 0.59
CA ILE B 165 -1.69 -9.18 -0.39
C ILE B 165 -0.58 -10.09 0.10
N SER B 166 -0.28 -10.03 1.42
CA SER B 166 0.66 -10.96 2.05
C SER B 166 0.16 -12.39 1.74
N ASN B 167 -1.17 -12.65 1.91
CA ASN B 167 -1.75 -13.98 1.57
C ASN B 167 -1.55 -14.35 0.07
N MET B 168 -1.76 -13.37 -0.82
CA MET B 168 -1.52 -13.50 -2.25
C MET B 168 -0.06 -13.89 -2.54
N TYR B 169 0.92 -13.20 -1.87
CA TYR B 169 2.33 -13.49 -1.99
C TYR B 169 2.63 -14.96 -1.71
N SER B 170 2.04 -15.49 -0.64
CA SER B 170 2.24 -16.86 -0.16
C SER B 170 1.77 -17.90 -1.17
N ILE B 171 0.69 -17.60 -1.90
CA ILE B 171 0.16 -18.51 -2.91
C ILE B 171 1.06 -18.47 -4.13
N MET B 172 1.48 -17.27 -4.51
CA MET B 172 2.44 -17.05 -5.59
C MET B 172 3.75 -17.77 -5.28
N ALA B 173 4.24 -17.68 -3.99
CA ALA B 173 5.48 -18.36 -3.54
C ALA B 173 5.35 -19.91 -3.64
N ALA B 174 4.28 -20.47 -3.10
CA ALA B 174 4.02 -21.93 -3.19
C ALA B 174 3.98 -22.41 -4.66
N ARG B 175 3.28 -21.67 -5.51
CA ARG B 175 3.11 -22.05 -6.89
C ARG B 175 4.45 -22.00 -7.63
N TYR B 176 5.27 -20.98 -7.35
CA TYR B 176 6.57 -20.87 -7.98
C TYR B 176 7.52 -22.00 -7.53
N LYS B 177 7.43 -22.38 -6.25
CA LYS B 177 8.28 -23.47 -5.73
C LYS B 177 7.95 -24.77 -6.44
N TYR B 178 6.67 -25.09 -6.55
CA TYR B 178 6.29 -26.35 -7.19
C TYR B 178 6.15 -26.27 -8.68
N PHE B 179 5.69 -25.13 -9.20
CA PHE B 179 5.46 -25.04 -10.65
C PHE B 179 6.05 -23.74 -11.26
N PRO B 180 7.39 -23.62 -11.30
CA PRO B 180 8.02 -22.39 -11.86
C PRO B 180 7.69 -22.13 -13.32
N GLU B 181 7.21 -23.16 -14.05
CA GLU B 181 6.80 -23.09 -15.47
C GLU B 181 5.66 -22.08 -15.68
N VAL B 182 4.82 -21.84 -14.68
CA VAL B 182 3.64 -20.94 -14.72
C VAL B 182 4.01 -19.50 -14.95
N LYS B 183 5.11 -19.04 -14.36
CA LYS B 183 5.60 -17.67 -14.49
C LYS B 183 5.79 -17.33 -15.98
N THR B 184 6.49 -18.22 -16.71
CA THR B 184 6.77 -18.08 -18.13
C THR B 184 5.64 -18.58 -18.99
N LYS B 185 5.08 -19.80 -18.72
CA LYS B 185 4.07 -20.39 -19.62
C LYS B 185 2.59 -20.23 -19.27
N GLY B 186 2.30 -19.81 -18.07
CA GLY B 186 0.90 -19.66 -17.69
C GLY B 186 0.38 -20.86 -16.94
N MET B 187 -0.75 -20.67 -16.25
CA MET B 187 -1.44 -21.68 -15.46
C MET B 187 -1.94 -22.87 -16.30
N ALA B 188 -2.10 -22.71 -17.63
CA ALA B 188 -2.58 -23.83 -18.48
C ALA B 188 -1.45 -24.78 -18.87
N ALA B 189 -0.20 -24.45 -18.50
CA ALA B 189 0.99 -25.24 -18.82
C ALA B 189 1.27 -26.31 -17.76
N VAL B 190 0.46 -26.35 -16.71
CA VAL B 190 0.63 -27.22 -15.56
C VAL B 190 -0.69 -27.88 -15.18
N PRO B 191 -0.71 -28.94 -14.34
CA PRO B 191 -2.00 -29.60 -14.01
C PRO B 191 -2.90 -28.69 -13.21
N LYS B 192 -4.18 -29.07 -13.01
CA LYS B 192 -5.12 -28.30 -12.18
C LYS B 192 -4.55 -28.27 -10.73
N LEU B 193 -4.21 -27.08 -10.26
CA LEU B 193 -3.67 -26.82 -8.94
C LEU B 193 -4.79 -26.52 -7.96
N VAL B 194 -4.79 -27.22 -6.82
CA VAL B 194 -5.79 -27.06 -5.80
C VAL B 194 -5.17 -26.51 -4.51
N LEU B 195 -5.83 -25.55 -3.91
CA LEU B 195 -5.40 -25.00 -2.63
C LEU B 195 -6.53 -25.13 -1.62
N PHE B 196 -6.18 -25.27 -0.36
CA PHE B 196 -7.11 -25.50 0.75
C PHE B 196 -7.07 -24.41 1.77
N THR B 197 -8.24 -24.10 2.31
CA THR B 197 -8.44 -23.10 3.36
C THR B 197 -9.67 -23.43 4.20
N SER B 198 -9.70 -22.98 5.45
CA SER B 198 -10.84 -23.23 6.35
C SER B 198 -12.12 -22.59 5.82
N GLU B 199 -13.28 -23.19 6.13
CA GLU B 199 -14.59 -22.64 5.77
C GLU B 199 -14.75 -21.30 6.49
N GLN B 200 -13.89 -21.02 7.49
CA GLN B 200 -13.95 -19.80 8.30
C GLN B 200 -12.73 -18.90 8.18
N SER B 201 -11.91 -19.18 7.15
CA SER B 201 -10.72 -18.38 6.83
C SER B 201 -11.11 -17.09 6.17
N HIS B 202 -10.15 -16.16 6.04
CA HIS B 202 -10.35 -14.86 5.41
C HIS B 202 -10.60 -15.03 3.89
N TYR B 203 -11.62 -14.31 3.37
CA TYR B 203 -12.03 -14.33 1.95
C TYR B 203 -10.87 -13.99 0.99
N SER B 204 -9.70 -13.56 1.54
CA SER B 204 -8.52 -13.19 0.73
C SER B 204 -7.92 -14.40 0.03
N ILE B 205 -8.14 -15.60 0.55
CA ILE B 205 -7.59 -16.81 -0.10
C ILE B 205 -8.40 -17.06 -1.40
N LYS B 206 -9.74 -16.91 -1.32
CA LYS B 206 -10.62 -17.04 -2.49
C LYS B 206 -10.29 -15.95 -3.54
N LYS B 207 -9.99 -14.70 -3.11
CA LYS B 207 -9.69 -13.61 -4.07
C LYS B 207 -8.35 -13.82 -4.76
N ALA B 208 -7.34 -14.30 -4.01
CA ALA B 208 -6.02 -14.56 -4.61
C ALA B 208 -6.16 -15.72 -5.60
N GLY B 209 -6.90 -16.76 -5.22
CA GLY B 209 -7.19 -17.88 -6.11
C GLY B 209 -7.79 -17.39 -7.41
N ALA B 210 -8.79 -16.50 -7.32
CA ALA B 210 -9.44 -15.90 -8.51
C ALA B 210 -8.45 -15.05 -9.31
N ALA B 211 -7.71 -14.12 -8.63
CA ALA B 211 -6.76 -13.22 -9.28
C ALA B 211 -5.62 -13.96 -9.95
N LEU B 212 -5.03 -14.92 -9.24
CA LEU B 212 -3.86 -15.67 -9.73
C LEU B 212 -4.09 -16.71 -10.81
N GLY B 213 -5.33 -16.94 -11.23
CA GLY B 213 -5.65 -17.85 -12.32
C GLY B 213 -5.99 -19.29 -11.96
N PHE B 214 -6.23 -19.56 -10.66
CA PHE B 214 -6.57 -20.92 -10.21
C PHE B 214 -8.04 -21.23 -10.36
N GLY B 215 -8.86 -20.20 -10.28
CA GLY B 215 -10.30 -20.30 -10.25
C GLY B 215 -10.72 -20.64 -8.84
N THR B 216 -11.76 -19.98 -8.33
CA THR B 216 -12.28 -20.19 -6.96
C THR B 216 -12.83 -21.60 -6.76
N ASP B 217 -13.16 -22.31 -7.86
CA ASP B 217 -13.60 -23.71 -7.78
C ASP B 217 -12.48 -24.57 -7.21
N ASN B 218 -11.23 -24.11 -7.39
CA ASN B 218 -10.02 -24.82 -6.97
C ASN B 218 -9.50 -24.31 -5.62
N VAL B 219 -10.35 -23.53 -4.93
CA VAL B 219 -10.06 -23.13 -3.56
C VAL B 219 -11.04 -23.94 -2.75
N ILE B 220 -10.55 -25.01 -2.14
CA ILE B 220 -11.39 -25.92 -1.40
C ILE B 220 -11.47 -25.57 0.08
N LEU B 221 -12.72 -25.51 0.60
CA LEU B 221 -13.03 -25.17 1.99
C LEU B 221 -13.01 -26.40 2.89
N ILE B 222 -12.25 -26.31 3.99
CA ILE B 222 -12.12 -27.40 4.95
C ILE B 222 -13.15 -27.25 6.06
N LYS B 223 -13.94 -28.33 6.33
CA LYS B 223 -14.97 -28.34 7.39
C LYS B 223 -14.38 -27.95 8.74
N CYS B 224 -15.16 -27.20 9.51
CA CYS B 224 -14.76 -26.76 10.84
C CYS B 224 -15.54 -27.46 11.90
N ASN B 225 -14.94 -27.62 13.09
CA ASN B 225 -15.63 -28.19 14.24
C ASN B 225 -16.44 -27.07 14.95
N GLU B 226 -17.09 -27.42 16.08
CA GLU B 226 -17.89 -26.51 16.92
C GLU B 226 -17.17 -25.18 17.23
N ARG B 227 -15.87 -25.25 17.54
CA ARG B 227 -15.04 -24.11 17.89
C ARG B 227 -14.44 -23.37 16.68
N GLY B 228 -14.95 -23.68 15.48
CA GLY B 228 -14.49 -23.06 14.23
C GLY B 228 -13.06 -23.38 13.83
N LYS B 229 -12.58 -24.59 14.19
CA LYS B 229 -11.19 -25.00 13.89
C LYS B 229 -11.23 -26.06 12.80
N ILE B 230 -10.27 -26.01 11.88
CA ILE B 230 -10.13 -27.00 10.82
C ILE B 230 -10.10 -28.42 11.43
N ILE B 231 -10.84 -29.36 10.81
CA ILE B 231 -10.82 -30.77 11.18
C ILE B 231 -9.75 -31.36 10.27
N PRO B 232 -8.61 -31.81 10.85
CA PRO B 232 -7.51 -32.34 10.02
C PRO B 232 -7.91 -33.47 9.11
N ALA B 233 -8.81 -34.37 9.55
CA ALA B 233 -9.30 -35.51 8.75
C ALA B 233 -10.08 -35.03 7.53
N ASP B 234 -10.73 -33.84 7.60
CA ASP B 234 -11.40 -33.31 6.42
C ASP B 234 -10.36 -32.81 5.41
N PHE B 235 -9.31 -32.13 5.90
CA PHE B 235 -8.24 -31.63 5.05
C PHE B 235 -7.56 -32.79 4.33
N GLU B 236 -7.18 -33.86 5.07
CA GLU B 236 -6.54 -35.04 4.46
C GLU B 236 -7.48 -35.67 3.41
N ALA B 237 -8.78 -35.80 3.72
CA ALA B 237 -9.78 -36.36 2.81
C ALA B 237 -9.85 -35.57 1.53
N LYS B 238 -9.81 -34.21 1.65
CA LYS B 238 -9.90 -33.31 0.50
C LYS B 238 -8.67 -33.43 -0.40
N ILE B 239 -7.46 -33.64 0.20
CA ILE B 239 -6.21 -33.84 -0.55
C ILE B 239 -6.35 -35.06 -1.48
N LEU B 240 -6.75 -36.19 -0.92
CA LEU B 240 -6.95 -37.48 -1.59
C LEU B 240 -8.05 -37.44 -2.64
N GLU B 241 -9.14 -36.68 -2.40
CA GLU B 241 -10.19 -36.43 -3.40
C GLU B 241 -9.61 -35.68 -4.59
N ALA B 242 -8.76 -34.65 -4.34
CA ALA B 242 -8.10 -33.87 -5.40
C ALA B 242 -7.17 -34.81 -6.20
N LYS B 243 -6.32 -35.63 -5.50
CA LYS B 243 -5.39 -36.56 -6.16
C LYS B 243 -6.09 -37.62 -6.99
N GLN B 244 -7.18 -38.17 -6.48
CA GLN B 244 -8.04 -39.18 -7.13
C GLN B 244 -8.64 -38.61 -8.42
N LYS B 245 -8.88 -37.29 -8.44
CA LYS B 245 -9.40 -36.56 -9.61
C LYS B 245 -8.28 -36.21 -10.60
N GLY B 246 -7.04 -36.56 -10.25
CA GLY B 246 -5.89 -36.22 -11.08
C GLY B 246 -5.49 -34.76 -10.95
N TYR B 247 -5.99 -34.05 -9.89
CA TYR B 247 -5.64 -32.63 -9.64
C TYR B 247 -4.43 -32.58 -8.72
N VAL B 248 -3.77 -31.41 -8.60
CA VAL B 248 -2.56 -31.26 -7.80
C VAL B 248 -2.74 -30.36 -6.56
N PRO B 249 -2.93 -30.97 -5.38
CA PRO B 249 -3.02 -30.17 -4.14
C PRO B 249 -1.61 -29.67 -3.78
N PHE B 250 -1.42 -28.38 -3.53
CA PHE B 250 -0.05 -27.90 -3.31
C PHE B 250 0.07 -26.88 -2.20
N TYR B 251 -1.06 -26.45 -1.67
CA TYR B 251 -1.08 -25.36 -0.71
C TYR B 251 -2.22 -25.47 0.28
N VAL B 252 -1.94 -25.05 1.51
CA VAL B 252 -2.95 -24.97 2.56
C VAL B 252 -2.76 -23.70 3.38
N ASN B 253 -3.87 -23.01 3.60
CA ASN B 253 -3.85 -21.84 4.47
C ASN B 253 -4.43 -22.34 5.82
N ALA B 254 -3.61 -22.30 6.88
CA ALA B 254 -4.04 -22.61 8.24
C ALA B 254 -4.25 -21.24 8.92
N THR B 255 -5.47 -20.98 9.44
CA THR B 255 -5.68 -19.68 10.05
C THR B 255 -5.39 -19.71 11.54
N ALA B 256 -4.40 -18.91 11.96
CA ALA B 256 -4.03 -18.74 13.36
C ALA B 256 -4.77 -17.50 13.86
N GLY B 257 -6.04 -17.66 14.25
CA GLY B 257 -6.84 -16.53 14.74
C GLY B 257 -7.80 -16.01 13.66
N THR B 258 -8.93 -16.71 13.47
CA THR B 258 -9.95 -16.33 12.48
C THR B 258 -10.62 -14.99 12.79
N THR B 259 -11.09 -14.29 11.74
CA THR B 259 -11.70 -12.94 11.87
C THR B 259 -12.91 -12.85 12.78
N VAL B 260 -13.78 -13.88 12.74
CA VAL B 260 -15.03 -13.96 13.51
C VAL B 260 -14.89 -14.66 14.89
N TYR B 261 -14.73 -15.98 14.94
CA TYR B 261 -14.65 -16.72 16.22
C TYR B 261 -13.34 -16.46 16.96
N GLY B 262 -12.28 -16.13 16.24
CA GLY B 262 -10.94 -15.93 16.81
C GLY B 262 -10.27 -17.26 17.03
N ALA B 263 -10.70 -18.28 16.26
CA ALA B 263 -10.25 -19.67 16.34
C ALA B 263 -8.84 -19.84 15.81
N PHE B 264 -8.15 -20.87 16.29
CA PHE B 264 -6.80 -21.19 15.85
C PHE B 264 -6.82 -22.57 15.23
N ASP B 265 -6.36 -22.69 13.98
CA ASP B 265 -6.36 -24.01 13.33
C ASP B 265 -5.28 -24.92 13.91
N PRO B 266 -5.46 -26.27 13.93
CA PRO B 266 -4.43 -27.13 14.53
C PRO B 266 -3.23 -27.25 13.58
N ILE B 267 -2.29 -26.22 13.65
CA ILE B 267 -1.13 -26.10 12.77
C ILE B 267 -0.32 -27.39 12.72
N GLN B 268 -0.05 -28.00 13.89
CA GLN B 268 0.76 -29.21 14.02
C GLN B 268 0.20 -30.40 13.24
N GLU B 269 -1.12 -30.63 13.36
CA GLU B 269 -1.83 -31.72 12.71
C GLU B 269 -1.93 -31.43 11.22
N ILE B 270 -2.01 -30.14 10.86
CA ILE B 270 -2.01 -29.71 9.45
C ILE B 270 -0.60 -29.89 8.83
N ALA B 271 0.46 -29.41 9.53
CA ALA B 271 1.86 -29.54 9.08
C ALA B 271 2.23 -31.02 8.87
N ASP B 272 1.81 -31.95 9.79
CA ASP B 272 2.02 -33.41 9.65
C ASP B 272 1.42 -33.90 8.33
N ILE B 273 0.21 -33.41 7.98
CA ILE B 273 -0.46 -33.82 6.74
C ILE B 273 0.31 -33.24 5.52
N CYS B 274 0.79 -31.97 5.64
CA CYS B 274 1.57 -31.25 4.61
C CYS B 274 2.85 -31.97 4.34
N GLU B 275 3.50 -32.49 5.41
CA GLU B 275 4.78 -33.22 5.29
C GLU B 275 4.59 -34.48 4.51
N LYS B 276 3.53 -35.15 4.82
CA LYS B 276 3.16 -36.43 4.26
C LYS B 276 2.78 -36.33 2.77
N TYR B 277 1.96 -35.32 2.40
CA TYR B 277 1.50 -35.12 1.00
C TYR B 277 2.19 -34.07 0.18
N ASN B 278 3.16 -33.35 0.78
CA ASN B 278 3.95 -32.32 0.11
C ASN B 278 3.15 -31.09 -0.32
N LEU B 279 2.57 -30.40 0.67
CA LEU B 279 1.82 -29.18 0.48
C LEU B 279 2.53 -28.06 1.18
N TRP B 280 2.45 -26.85 0.61
CA TRP B 280 3.01 -25.67 1.21
C TRP B 280 2.11 -25.37 2.38
N LEU B 281 2.70 -25.05 3.52
CA LEU B 281 1.92 -24.70 4.67
C LEU B 281 2.06 -23.21 4.89
N HIS B 282 0.98 -22.48 4.64
CA HIS B 282 0.91 -21.04 4.94
C HIS B 282 0.06 -20.90 6.17
N VAL B 283 0.45 -19.97 7.03
CA VAL B 283 -0.26 -19.66 8.27
C VAL B 283 -0.68 -18.22 8.21
N ASP B 284 -2.01 -17.99 8.18
CA ASP B 284 -2.55 -16.64 8.20
C ASP B 284 -2.69 -16.23 9.66
N ALA B 285 -1.62 -15.66 10.22
CA ALA B 285 -1.64 -15.12 11.59
C ALA B 285 -1.79 -13.58 11.53
N ALA B 286 -2.55 -13.06 10.55
CA ALA B 286 -2.79 -11.61 10.42
C ALA B 286 -3.38 -11.07 11.71
N TRP B 287 -4.30 -11.85 12.30
CA TRP B 287 -4.97 -11.55 13.57
C TRP B 287 -4.31 -12.27 14.76
N GLY B 288 -4.01 -13.57 14.63
CA GLY B 288 -3.38 -14.32 15.73
C GLY B 288 -1.94 -13.98 16.07
N GLY B 289 -1.24 -13.38 15.10
CA GLY B 289 0.19 -13.03 15.19
C GLY B 289 0.66 -12.27 16.41
N GLY B 290 -0.17 -11.39 16.95
CA GLY B 290 0.16 -10.65 18.17
C GLY B 290 0.40 -11.56 19.37
N LEU B 291 -0.25 -12.75 19.37
CA LEU B 291 -0.12 -13.70 20.48
C LEU B 291 1.27 -14.36 20.55
N LEU B 292 2.03 -14.33 19.42
CA LEU B 292 3.42 -14.83 19.33
C LEU B 292 4.32 -14.03 20.27
N MET B 293 3.95 -12.76 20.53
CA MET B 293 4.63 -11.84 21.46
C MET B 293 4.41 -12.22 22.93
N SER B 294 3.37 -13.02 23.22
CA SER B 294 3.03 -13.42 24.58
C SER B 294 3.53 -14.84 24.91
N ARG B 295 4.40 -14.96 25.93
CA ARG B 295 4.86 -16.27 26.42
C ARG B 295 3.64 -17.07 26.94
N LYS B 296 2.63 -16.37 27.46
CA LYS B 296 1.40 -17.00 27.95
C LYS B 296 0.51 -17.55 26.79
N HIS B 297 0.42 -16.84 25.65
CA HIS B 297 -0.51 -17.22 24.57
C HIS B 297 0.06 -17.77 23.25
N ARG B 298 1.39 -17.75 23.08
CA ARG B 298 2.04 -18.22 21.85
C ARG B 298 1.81 -19.71 21.54
N HIS B 299 1.39 -20.51 22.54
CA HIS B 299 1.10 -21.94 22.37
C HIS B 299 -0.06 -22.16 21.39
N LYS B 300 -0.92 -21.16 21.23
CA LYS B 300 -2.08 -21.24 20.31
C LYS B 300 -1.65 -21.36 18.87
N LEU B 301 -0.41 -20.91 18.59
CA LEU B 301 0.25 -20.96 17.31
C LEU B 301 1.29 -22.08 17.21
N ASN B 302 1.32 -23.07 18.13
CA ASN B 302 2.27 -24.20 18.06
C ASN B 302 2.17 -24.94 16.72
N GLY B 303 3.31 -25.09 16.04
CA GLY B 303 3.39 -25.71 14.72
C GLY B 303 3.81 -24.70 13.68
N ILE B 304 3.58 -23.38 13.96
CA ILE B 304 3.92 -22.27 13.05
C ILE B 304 5.41 -22.30 12.63
N GLU B 305 6.28 -22.88 13.47
CA GLU B 305 7.72 -22.98 13.18
C GLU B 305 7.98 -23.96 12.05
N ARG B 306 6.98 -24.77 11.69
CA ARG B 306 7.03 -25.77 10.62
C ARG B 306 6.44 -25.23 9.30
N ALA B 307 5.78 -24.08 9.37
CA ALA B 307 5.18 -23.39 8.22
C ALA B 307 6.23 -22.89 7.21
N ASN B 308 5.83 -22.82 5.93
CA ASN B 308 6.63 -22.37 4.80
C ASN B 308 6.54 -20.85 4.68
N SER B 309 5.40 -20.29 5.09
CA SER B 309 5.13 -18.86 5.08
C SER B 309 4.14 -18.54 6.18
N VAL B 310 4.10 -17.25 6.56
CA VAL B 310 3.25 -16.71 7.61
C VAL B 310 2.84 -15.30 7.21
N THR B 311 1.53 -14.99 7.32
CA THR B 311 1.06 -13.61 7.17
C THR B 311 0.90 -13.11 8.63
N TRP B 312 1.42 -11.96 8.92
CA TRP B 312 1.35 -11.36 10.24
C TRP B 312 1.13 -9.86 10.08
N ASN B 313 0.03 -9.33 10.68
CA ASN B 313 -0.36 -7.94 10.67
C ASN B 313 -0.10 -7.20 11.98
N PRO B 314 1.11 -6.64 12.18
CA PRO B 314 1.34 -5.77 13.36
C PRO B 314 0.28 -4.67 13.51
N HIS B 315 -0.42 -4.29 12.40
CA HIS B 315 -1.50 -3.31 12.49
C HIS B 315 -2.78 -3.81 13.20
N MET B 317 -3.29 -6.70 16.29
CA MET B 317 -3.18 -6.84 17.75
C MET B 317 -2.06 -6.02 18.34
N MET B 318 -1.03 -5.70 17.54
CA MET B 318 0.14 -4.98 18.04
C MET B 318 -0.07 -3.47 18.03
N GLY B 319 -1.24 -3.06 17.53
CA GLY B 319 -1.65 -1.67 17.48
C GLY B 319 -0.82 -0.72 16.65
N VAL B 320 -0.11 -1.24 15.64
CA VAL B 320 0.65 -0.41 14.72
C VAL B 320 -0.38 0.26 13.80
N LEU B 321 -0.19 1.55 13.49
CA LEU B 321 -1.13 2.27 12.64
C LEU B 321 -1.14 1.64 11.26
N LEU B 322 -2.34 1.60 10.63
CA LEU B 322 -2.59 1.05 9.31
C LEU B 322 -1.68 1.70 8.27
N GLN B 323 -1.04 0.95 7.38
CA GLN B 323 -1.04 -0.51 7.26
C GLN B 323 0.34 -1.01 7.68
N CYS B 324 0.38 -2.19 8.27
CA CYS B 324 1.65 -2.85 8.64
C CYS B 324 1.44 -4.31 8.61
N SER B 325 1.78 -4.93 7.49
CA SER B 325 1.61 -6.37 7.28
C SER B 325 2.88 -6.97 6.67
N ALA B 326 3.26 -8.13 7.12
CA ALA B 326 4.41 -8.81 6.57
C ALA B 326 4.03 -10.22 6.16
N ILE B 327 4.73 -10.71 5.15
CA ILE B 327 4.70 -12.09 4.71
C ILE B 327 6.10 -12.54 4.99
N LEU B 328 6.24 -13.57 5.80
CA LEU B 328 7.51 -14.18 6.14
C LEU B 328 7.53 -15.45 5.32
N VAL B 329 8.66 -15.75 4.69
CA VAL B 329 8.86 -16.95 3.88
C VAL B 329 10.07 -17.68 4.45
N LYS B 330 9.93 -18.99 4.72
CA LYS B 330 11.01 -19.78 5.33
C LYS B 330 12.19 -19.94 4.36
N GLU B 331 11.89 -20.24 3.10
CA GLU B 331 12.91 -20.45 2.08
C GLU B 331 13.22 -19.15 1.31
N LYS B 332 14.44 -18.60 1.47
CA LYS B 332 14.85 -17.38 0.78
C LYS B 332 15.06 -17.72 -0.68
N GLY B 333 14.88 -16.75 -1.58
CA GLY B 333 15.05 -16.96 -3.02
C GLY B 333 13.76 -17.25 -3.76
N ILE B 334 12.71 -17.64 -3.03
CA ILE B 334 11.39 -17.95 -3.65
C ILE B 334 10.68 -16.68 -4.08
N LEU B 335 10.60 -15.67 -3.20
CA LEU B 335 9.95 -14.42 -3.59
C LEU B 335 10.68 -13.77 -4.80
N GLN B 336 12.01 -13.82 -4.76
CA GLN B 336 12.88 -13.27 -5.78
C GLN B 336 12.67 -14.03 -7.12
N GLY B 337 12.80 -15.35 -7.10
CA GLY B 337 12.61 -16.16 -8.29
C GLY B 337 11.21 -16.03 -8.85
N CYS B 338 10.21 -15.91 -7.98
CA CYS B 338 8.82 -15.75 -8.38
C CYS B 338 8.61 -14.39 -9.09
N ASN B 339 9.00 -13.29 -8.43
CA ASN B 339 8.75 -11.93 -8.90
C ASN B 339 9.73 -11.26 -9.83
N GLN B 340 11.03 -11.67 -9.82
CA GLN B 340 12.05 -11.07 -10.69
C GLN B 340 11.73 -11.07 -12.19
N MET B 341 11.71 -9.89 -12.80
CA MET B 341 11.47 -9.85 -14.24
C MET B 341 12.79 -9.86 -15.02
N HIS B 342 13.91 -10.06 -14.28
CA HIS B 342 15.29 -10.14 -14.73
C HIS B 342 16.12 -10.72 -13.56
N ALA B 343 16.80 -11.86 -13.79
CA ALA B 343 17.60 -12.58 -12.79
C ALA B 343 18.82 -11.80 -12.25
N SER B 344 19.54 -12.41 -11.26
CA SER B 344 20.77 -11.88 -10.65
C SER B 344 20.56 -10.49 -9.90
N TYR B 345 21.59 -9.65 -9.51
CA TYR B 345 23.06 -9.59 -9.68
C TYR B 345 23.56 -9.12 -11.06
N LEU B 346 22.62 -8.77 -11.95
CA LEU B 346 22.89 -8.23 -13.29
C LEU B 346 22.91 -6.71 -13.17
N PHE B 347 22.29 -6.17 -12.08
CA PHE B 347 22.22 -4.75 -11.74
C PHE B 347 23.60 -4.19 -11.38
N GLN B 348 24.49 -5.08 -10.89
CA GLN B 348 25.89 -4.83 -10.55
C GLN B 348 26.72 -4.98 -11.86
N GLN B 349 28.05 -4.67 -11.89
CA GLN B 349 28.91 -4.15 -10.83
C GLN B 349 29.11 -2.65 -11.02
N ASP B 350 28.09 -1.98 -11.59
CA ASP B 350 28.10 -0.56 -11.84
C ASP B 350 27.74 0.24 -10.58
N LYS B 351 26.62 -0.12 -9.93
CA LYS B 351 26.04 0.56 -8.76
C LYS B 351 27.00 0.79 -7.58
N HIS B 352 26.82 1.93 -6.87
CA HIS B 352 27.62 2.38 -5.70
C HIS B 352 27.31 1.61 -4.41
N TYR B 353 26.25 0.76 -4.44
CA TYR B 353 25.85 0.00 -3.28
C TYR B 353 25.44 -1.44 -3.65
N ASP B 354 25.31 -2.28 -2.61
CA ASP B 354 24.85 -3.65 -2.74
C ASP B 354 23.34 -3.68 -3.14
N VAL B 355 23.07 -4.01 -4.41
CA VAL B 355 21.73 -4.07 -4.98
C VAL B 355 20.89 -5.23 -4.46
N SER B 356 21.49 -6.16 -3.72
CA SER B 356 20.70 -7.29 -3.19
C SER B 356 19.76 -6.79 -2.06
N TYR B 357 19.97 -5.51 -1.61
CA TYR B 357 19.14 -4.78 -0.65
C TYR B 357 17.87 -4.20 -1.31
N ASP B 358 17.89 -4.06 -2.64
CA ASP B 358 16.76 -3.56 -3.44
C ASP B 358 15.69 -4.65 -3.51
N THR B 359 14.42 -4.29 -3.26
CA THR B 359 13.34 -5.30 -3.18
C THR B 359 12.32 -5.27 -4.31
N GLY B 360 12.57 -4.43 -5.33
CA GLY B 360 11.69 -4.33 -6.50
C GLY B 360 11.43 -5.66 -7.17
N ASP B 361 12.48 -6.50 -7.25
CA ASP B 361 12.51 -7.83 -7.87
C ASP B 361 11.75 -8.93 -7.13
N LYS B 362 11.60 -8.82 -5.81
CA LYS B 362 10.90 -9.86 -5.07
C LYS B 362 9.48 -9.48 -4.77
N ALA B 363 9.14 -8.22 -5.07
CA ALA B 363 7.84 -7.63 -4.79
C ALA B 363 6.88 -7.73 -5.94
N ILE B 364 5.59 -7.67 -5.67
CA ILE B 364 4.64 -7.58 -6.77
C ILE B 364 4.42 -6.09 -7.06
N GLN B 365 4.70 -5.27 -6.05
CA GLN B 365 4.70 -3.81 -6.14
C GLN B 365 5.98 -3.36 -6.80
N CYS B 366 5.94 -2.15 -7.33
CA CYS B 366 7.10 -1.48 -7.84
C CYS B 366 7.41 -0.47 -6.70
N GLY B 367 6.72 0.66 -6.68
CA GLY B 367 6.81 1.64 -5.61
C GLY B 367 6.16 1.09 -4.35
N ARG B 368 6.77 1.35 -3.20
CA ARG B 368 6.25 0.79 -1.95
C ARG B 368 6.38 1.78 -0.80
N HIS B 369 5.28 1.93 -0.06
CA HIS B 369 5.23 2.84 1.08
C HIS B 369 6.11 2.38 2.24
N VAL B 370 6.71 3.33 2.96
CA VAL B 370 7.44 3.02 4.17
C VAL B 370 6.43 2.64 5.29
N ASP B 371 6.34 1.38 5.61
CA ASP B 371 5.47 0.94 6.70
C ASP B 371 6.34 0.48 7.86
N ILE B 372 7.65 0.36 7.64
CA ILE B 372 8.51 -0.16 8.69
C ILE B 372 8.79 0.79 9.86
N PHE B 373 9.08 2.04 9.56
CA PHE B 373 9.47 2.98 10.63
C PHE B 373 8.56 3.05 11.85
N LYS B 374 7.25 3.15 11.67
CA LYS B 374 6.31 3.27 12.79
C LYS B 374 6.33 2.02 13.69
N PHE B 375 6.55 0.85 13.07
CA PHE B 375 6.61 -0.44 13.72
C PHE B 375 7.97 -0.63 14.42
N TRP B 376 9.06 -0.29 13.74
CA TRP B 376 10.39 -0.39 14.32
C TRP B 376 10.43 0.55 15.57
N LEU B 377 9.93 1.78 15.42
CA LEU B 377 9.87 2.78 16.48
C LEU B 377 9.07 2.30 17.72
N MET B 378 7.89 1.69 17.49
CA MET B 378 7.03 1.16 18.55
C MET B 378 7.76 0.00 19.24
N TRP B 379 8.51 -0.82 18.49
CA TRP B 379 9.27 -1.91 19.06
C TRP B 379 10.37 -1.33 19.96
N LYS B 380 11.06 -0.23 19.54
CA LYS B 380 12.07 0.40 20.40
C LYS B 380 11.48 1.02 21.64
N ALA B 381 10.33 1.67 21.51
CA ALA B 381 9.67 2.34 22.64
C ALA B 381 9.03 1.40 23.66
N LYS B 382 8.52 0.23 23.23
CA LYS B 382 7.84 -0.69 24.12
C LYS B 382 8.69 -1.89 24.54
N GLY B 383 9.53 -2.37 23.62
CA GLY B 383 10.26 -3.62 23.79
C GLY B 383 9.29 -4.78 23.54
N THR B 384 9.80 -6.00 23.38
CA THR B 384 8.98 -7.20 23.21
C THR B 384 8.06 -7.37 24.47
N VAL B 385 8.56 -6.92 25.65
CA VAL B 385 7.83 -6.97 26.91
C VAL B 385 6.61 -6.00 26.91
N GLY B 386 6.73 -4.87 26.23
CA GLY B 386 5.64 -3.90 26.14
C GLY B 386 4.49 -4.46 25.32
N PHE B 387 4.82 -5.15 24.21
CA PHE B 387 3.81 -5.76 23.36
C PHE B 387 3.18 -6.89 24.12
N GLU B 388 4.02 -7.73 24.79
CA GLU B 388 3.57 -8.87 25.59
C GLU B 388 2.46 -8.52 26.59
N ASN B 389 2.72 -7.53 27.47
CA ASN B 389 1.79 -7.12 28.53
C ASN B 389 0.50 -6.52 28.01
N GLN B 390 0.60 -5.74 26.92
CA GLN B 390 -0.52 -5.09 26.26
C GLN B 390 -1.48 -6.13 25.63
N ILE B 391 -0.92 -7.14 24.93
CA ILE B 391 -1.67 -8.23 24.28
C ILE B 391 -2.36 -9.05 25.37
N ASN B 392 -1.63 -9.38 26.46
CA ASN B 392 -2.17 -10.15 27.60
C ASN B 392 -3.33 -9.41 28.27
N LYS B 393 -3.26 -8.07 28.31
CA LYS B 393 -4.33 -7.27 28.93
C LYS B 393 -5.62 -7.38 28.14
N CYS B 394 -5.53 -7.23 26.80
CA CYS B 394 -6.66 -7.37 25.88
C CYS B 394 -7.31 -8.75 25.98
N LEU B 395 -6.48 -9.83 26.08
CA LEU B 395 -6.94 -11.22 26.23
C LEU B 395 -7.61 -11.49 27.60
N GLU B 396 -7.13 -10.83 28.67
CA GLU B 396 -7.71 -10.89 30.03
C GLU B 396 -9.12 -10.24 30.01
N LEU B 397 -9.24 -9.04 29.41
CA LEU B 397 -10.48 -8.27 29.21
C LEU B 397 -11.54 -9.10 28.42
N ALA B 398 -11.08 -9.88 27.43
CA ALA B 398 -11.94 -10.73 26.61
C ALA B 398 -12.39 -11.97 27.40
N GLU B 399 -11.51 -12.47 28.31
CA GLU B 399 -11.76 -13.59 29.21
C GLU B 399 -12.83 -13.14 30.19
N TYR B 400 -12.75 -11.87 30.63
CA TYR B 400 -13.69 -11.23 31.55
C TYR B 400 -15.09 -11.12 30.91
N LEU B 401 -15.19 -10.50 29.72
CA LEU B 401 -16.45 -10.31 28.98
C LEU B 401 -17.17 -11.63 28.75
N TYR B 402 -16.42 -12.68 28.34
CA TYR B 402 -16.94 -14.03 28.10
C TYR B 402 -17.55 -14.64 29.37
N ALA B 403 -16.84 -14.50 30.50
CA ALA B 403 -17.28 -15.01 31.81
C ALA B 403 -18.47 -14.23 32.35
N LYS B 404 -18.58 -12.93 32.01
CA LYS B 404 -19.69 -12.09 32.47
C LYS B 404 -21.01 -12.38 31.72
N ILE B 405 -20.91 -12.88 30.46
CA ILE B 405 -22.06 -13.16 29.61
C ILE B 405 -22.24 -14.66 29.27
N LYS B 406 -21.37 -15.56 29.80
CA LYS B 406 -21.41 -17.01 29.57
C LYS B 406 -22.79 -17.65 29.84
N ASN B 407 -23.52 -17.12 30.84
CA ASN B 407 -24.85 -17.60 31.23
C ASN B 407 -25.89 -16.47 31.49
N ARG B 408 -25.54 -15.19 31.17
CA ARG B 408 -26.46 -14.04 31.33
C ARG B 408 -27.75 -14.27 30.51
N GLU B 409 -28.94 -13.99 31.11
CA GLU B 409 -30.26 -14.22 30.49
C GLU B 409 -30.46 -13.60 29.11
N GLU B 410 -30.20 -12.28 28.98
CA GLU B 410 -30.33 -11.53 27.73
C GLU B 410 -29.26 -11.87 26.69
N PHE B 411 -28.32 -12.79 27.01
CA PHE B 411 -27.22 -13.18 26.12
C PHE B 411 -27.09 -14.70 25.86
N GLU B 412 -26.67 -15.04 24.64
CA GLU B 412 -26.49 -16.43 24.22
C GLU B 412 -25.24 -16.57 23.36
N MET B 413 -24.38 -17.54 23.71
CA MET B 413 -23.12 -17.81 22.99
C MET B 413 -23.36 -18.51 21.67
N VAL B 414 -22.67 -18.03 20.64
CA VAL B 414 -22.77 -18.50 19.26
C VAL B 414 -22.25 -19.93 19.07
N PHE B 415 -21.12 -20.26 19.74
CA PHE B 415 -20.53 -21.60 19.68
C PHE B 415 -20.14 -22.06 21.07
N ASN B 416 -20.02 -23.39 21.24
CA ASN B 416 -19.65 -24.00 22.51
C ASN B 416 -18.12 -24.14 22.60
N GLY B 417 -17.49 -23.21 23.32
CA GLY B 417 -16.04 -23.18 23.51
C GLY B 417 -15.50 -21.92 24.14
N GLU B 418 -14.36 -22.03 24.82
CA GLU B 418 -13.71 -20.88 25.44
C GLU B 418 -13.00 -20.08 24.33
N PRO B 419 -13.19 -18.73 24.25
CA PRO B 419 -12.48 -17.94 23.23
C PRO B 419 -10.97 -18.20 23.27
N GLU B 420 -10.36 -18.19 22.08
CA GLU B 420 -8.93 -18.41 21.92
C GLU B 420 -8.19 -17.08 21.70
N HIS B 421 -8.91 -16.10 21.19
CA HIS B 421 -8.38 -14.77 20.90
C HIS B 421 -9.22 -13.77 21.71
N THR B 422 -9.31 -12.50 21.29
CA THR B 422 -10.14 -11.52 22.00
C THR B 422 -11.58 -11.49 21.46
N ASN B 423 -11.85 -12.28 20.41
CA ASN B 423 -13.18 -12.39 19.80
C ASN B 423 -14.15 -13.07 20.75
N VAL B 424 -15.27 -12.39 21.02
CA VAL B 424 -16.38 -12.93 21.84
C VAL B 424 -17.63 -12.80 20.98
N CYS B 425 -18.19 -13.95 20.56
CA CYS B 425 -19.37 -14.00 19.69
C CYS B 425 -20.58 -14.40 20.49
N PHE B 426 -21.63 -13.58 20.38
CA PHE B 426 -22.85 -13.71 21.15
C PHE B 426 -24.02 -12.98 20.51
N TRP B 427 -25.22 -13.42 20.82
CA TRP B 427 -26.47 -12.77 20.42
C TRP B 427 -27.02 -12.02 21.62
N TYR B 428 -27.77 -10.94 21.36
CA TYR B 428 -28.52 -10.26 22.39
C TYR B 428 -29.92 -10.87 22.22
N ILE B 429 -30.44 -11.54 23.25
CA ILE B 429 -31.75 -12.18 23.19
C ILE B 429 -32.86 -11.19 23.59
N PRO B 430 -33.84 -10.90 22.68
CA PRO B 430 -34.95 -10.00 23.05
C PRO B 430 -35.80 -10.53 24.20
N GLN B 431 -36.14 -11.85 24.19
CA GLN B 431 -36.93 -12.50 25.25
C GLN B 431 -36.71 -14.02 25.41
N SER B 432 -36.64 -14.76 24.27
CA SER B 432 -36.48 -16.22 24.18
C SER B 432 -35.45 -16.81 25.15
N ASP B 438 -34.18 -23.37 20.12
CA ASP B 438 -33.93 -23.01 18.73
C ASP B 438 -35.14 -23.37 17.88
N SER B 439 -35.49 -22.49 16.93
CA SER B 439 -36.59 -22.65 15.99
C SER B 439 -36.28 -21.85 14.70
N PRO B 440 -36.61 -22.36 13.49
CA PRO B 440 -36.32 -21.59 12.27
C PRO B 440 -36.95 -20.18 12.26
N GLN B 441 -38.16 -20.05 12.82
CA GLN B 441 -38.87 -18.77 12.98
C GLN B 441 -38.15 -17.86 14.00
N ARG B 442 -37.61 -18.45 15.09
CA ARG B 442 -36.86 -17.74 16.14
C ARG B 442 -35.58 -17.12 15.55
N ARG B 443 -34.89 -17.86 14.65
CA ARG B 443 -33.67 -17.41 13.97
C ARG B 443 -33.95 -16.18 13.09
N GLU B 444 -35.14 -16.13 12.46
CA GLU B 444 -35.62 -15.01 11.64
C GLU B 444 -35.85 -13.77 12.56
N LYS B 445 -36.41 -14.00 13.78
CA LYS B 445 -36.66 -12.95 14.78
C LYS B 445 -35.32 -12.44 15.33
N LEU B 446 -34.46 -13.38 15.76
CA LEU B 446 -33.14 -13.11 16.33
C LEU B 446 -32.23 -12.34 15.36
N HIS B 447 -32.26 -12.70 14.05
CA HIS B 447 -31.45 -12.08 12.98
C HIS B 447 -31.55 -10.57 12.93
N LYS B 448 -32.73 -10.02 13.27
CA LYS B 448 -33.04 -8.58 13.26
C LYS B 448 -32.66 -7.81 14.54
N VAL B 449 -32.20 -8.52 15.61
CA VAL B 449 -31.82 -7.89 16.89
C VAL B 449 -30.53 -7.07 16.81
N ALA B 450 -29.43 -7.68 16.33
CA ALA B 450 -28.12 -7.04 16.19
C ALA B 450 -28.08 -5.83 15.22
N PRO B 451 -28.63 -5.90 13.97
CA PRO B 451 -28.64 -4.68 13.13
C PRO B 451 -29.38 -3.52 13.80
N LYS B 452 -30.51 -3.81 14.50
CA LYS B 452 -31.31 -2.82 15.20
C LYS B 452 -30.50 -2.10 16.28
N ILE B 453 -29.83 -2.85 17.17
CA ILE B 453 -28.98 -2.29 18.24
C ILE B 453 -27.81 -1.51 17.64
N LYS B 454 -27.16 -2.05 16.58
CA LYS B 454 -26.04 -1.43 15.86
C LYS B 454 -26.42 -0.07 15.28
N ALA B 455 -27.60 0.02 14.63
CA ALA B 455 -28.15 1.24 14.06
C ALA B 455 -28.27 2.30 15.18
N LEU B 456 -28.83 1.89 16.34
CA LEU B 456 -29.01 2.72 17.53
C LEU B 456 -27.68 3.12 18.14
N MET B 457 -26.67 2.21 18.12
CA MET B 457 -25.31 2.47 18.60
C MET B 457 -24.66 3.58 17.78
N MET B 458 -24.90 3.55 16.45
CA MET B 458 -24.41 4.53 15.49
C MET B 458 -25.10 5.87 15.70
N GLU B 459 -26.42 5.83 16.00
CA GLU B 459 -27.22 7.03 16.27
C GLU B 459 -26.77 7.71 17.57
N SER B 460 -26.50 6.91 18.61
CA SER B 460 -26.04 7.35 19.93
C SER B 460 -24.55 7.75 19.94
N GLY B 461 -23.71 6.99 19.24
CA GLY B 461 -22.27 7.23 19.19
C GLY B 461 -21.55 6.88 20.47
N THR B 462 -22.21 6.12 21.36
CA THR B 462 -21.66 5.69 22.65
C THR B 462 -20.54 4.64 22.47
N THR B 463 -20.75 3.65 21.58
CA THR B 463 -19.83 2.54 21.30
C THR B 463 -20.09 1.99 19.89
N MET B 464 -19.11 1.25 19.34
CA MET B 464 -19.21 0.64 18.01
C MET B 464 -18.82 -0.82 18.08
N VAL B 465 -19.72 -1.71 17.64
CA VAL B 465 -19.44 -3.14 17.61
C VAL B 465 -20.00 -3.77 16.35
N GLY B 466 -19.21 -4.63 15.74
CA GLY B 466 -19.63 -5.34 14.54
C GLY B 466 -20.54 -6.50 14.86
N TYR B 467 -21.40 -6.80 13.90
CA TYR B 467 -22.30 -7.96 13.89
C TYR B 467 -22.16 -8.60 12.52
N GLN B 468 -22.42 -9.90 12.44
CA GLN B 468 -22.35 -10.62 11.17
C GLN B 468 -22.96 -12.00 11.32
N PRO B 469 -23.56 -12.55 10.25
CA PRO B 469 -24.03 -13.94 10.32
C PRO B 469 -22.85 -14.88 10.01
N GLN B 470 -23.09 -16.18 10.02
CA GLN B 470 -22.10 -17.20 9.68
C GLN B 470 -22.83 -18.51 9.49
N GLY B 471 -22.69 -19.08 8.29
CA GLY B 471 -23.37 -20.31 7.92
C GLY B 471 -24.87 -20.11 8.04
N ASP B 472 -25.52 -20.92 8.87
CA ASP B 472 -26.96 -20.81 9.08
C ASP B 472 -27.31 -20.01 10.35
N LYS B 473 -26.28 -19.50 11.06
CA LYS B 473 -26.45 -18.71 12.28
C LYS B 473 -26.85 -17.29 11.92
N ALA B 474 -27.80 -16.74 12.68
CA ALA B 474 -28.35 -15.40 12.52
C ALA B 474 -27.33 -14.35 12.92
N ASN B 475 -27.49 -13.08 12.44
CA ASN B 475 -26.62 -11.93 12.75
C ASN B 475 -26.29 -11.95 14.21
N PHE B 476 -25.00 -12.01 14.52
CA PHE B 476 -24.52 -12.06 15.89
C PHE B 476 -23.40 -11.11 16.14
N PHE B 477 -23.40 -10.48 17.32
CA PHE B 477 -22.33 -9.58 17.71
C PHE B 477 -21.02 -10.33 17.80
N ARG B 478 -19.95 -9.68 17.38
CA ARG B 478 -18.62 -10.21 17.53
C ARG B 478 -17.81 -9.14 18.24
N MET B 479 -17.67 -9.24 19.56
CA MET B 479 -16.84 -8.30 20.29
C MET B 479 -15.40 -8.72 20.03
N VAL B 480 -14.53 -7.74 19.84
CA VAL B 480 -13.10 -7.99 19.65
C VAL B 480 -12.34 -6.99 20.46
N ILE B 481 -11.19 -7.38 21.05
CA ILE B 481 -10.39 -6.43 21.82
C ILE B 481 -8.94 -6.31 21.33
N SER B 482 -8.54 -5.13 20.84
CA SER B 482 -7.15 -4.90 20.43
C SER B 482 -6.62 -3.55 20.95
N ASN B 483 -7.48 -2.76 21.58
CA ASN B 483 -7.13 -1.44 22.04
C ASN B 483 -6.57 -1.39 23.47
N PRO B 484 -5.32 -0.89 23.64
CA PRO B 484 -4.77 -0.68 24.99
C PRO B 484 -5.63 0.26 25.87
N ALA B 485 -6.37 1.22 25.27
CA ALA B 485 -7.25 2.17 25.98
C ALA B 485 -8.53 1.54 26.52
N ALA B 486 -8.95 0.38 25.98
CA ALA B 486 -10.15 -0.32 26.47
C ALA B 486 -9.84 -0.90 27.86
N THR B 487 -10.71 -0.63 28.82
CA THR B 487 -10.59 -1.08 30.22
C THR B 487 -11.81 -1.91 30.57
N GLN B 488 -11.79 -2.56 31.76
CA GLN B 488 -12.91 -3.37 32.28
C GLN B 488 -14.22 -2.57 32.31
N SER B 489 -14.17 -1.29 32.74
CA SER B 489 -15.34 -0.41 32.83
C SER B 489 -15.98 -0.19 31.46
N ASP B 490 -15.15 -0.08 30.40
CA ASP B 490 -15.60 0.06 29.01
C ASP B 490 -16.32 -1.19 28.51
N ILE B 491 -15.83 -2.39 28.91
CA ILE B 491 -16.45 -3.67 28.58
C ILE B 491 -17.79 -3.75 29.32
N ASP B 492 -17.82 -3.32 30.61
CA ASP B 492 -19.05 -3.24 31.41
C ASP B 492 -20.04 -2.28 30.78
N PHE B 493 -19.56 -1.10 30.31
CA PHE B 493 -20.37 -0.11 29.62
C PHE B 493 -20.97 -0.69 28.34
N LEU B 494 -20.15 -1.34 27.50
CA LEU B 494 -20.57 -1.95 26.24
C LEU B 494 -21.62 -3.06 26.48
N ILE B 495 -21.37 -3.96 27.45
CA ILE B 495 -22.27 -5.06 27.81
C ILE B 495 -23.61 -4.55 28.37
N GLU B 496 -23.59 -3.37 29.04
CA GLU B 496 -24.77 -2.72 29.57
C GLU B 496 -25.46 -1.89 28.47
N GLU B 497 -24.67 -1.38 27.49
CA GLU B 497 -25.18 -0.61 26.35
C GLU B 497 -25.93 -1.52 25.37
N ILE B 498 -25.51 -2.80 25.24
CA ILE B 498 -26.18 -3.77 24.39
C ILE B 498 -27.56 -4.12 24.98
N GLU B 499 -27.57 -4.39 26.30
CA GLU B 499 -28.74 -4.73 27.10
C GLU B 499 -29.72 -3.55 27.19
N ARG B 500 -29.19 -2.31 27.25
CA ARG B 500 -30.01 -1.10 27.34
C ARG B 500 -30.74 -0.86 26.02
N LEU B 501 -30.04 -1.02 24.88
CA LEU B 501 -30.60 -0.82 23.54
C LEU B 501 -31.35 -2.03 22.98
#